data_4X9G
#
_entry.id   4X9G
#
_cell.length_a   193.639
_cell.length_b   63.416
_cell.length_c   90.073
_cell.angle_alpha   90.00
_cell.angle_beta   99.94
_cell.angle_gamma   90.00
#
_symmetry.space_group_name_H-M   'C 1 2 1'
#
loop_
_entity.id
_entity.type
_entity.pdbx_description
1 polymer 'Down Syndrome Cell Adhesion Molecule isoform 6.44'
2 branched alpha-D-mannopyranose-(1-3)-[alpha-D-mannopyranose-(1-6)]beta-D-mannopyranose-(1-4)-2-acetamido-2-deoxy-beta-D-glucopyranose-(1-4)-2-acetamido-2-deoxy-beta-D-glucopyranose
3 branched beta-D-mannopyranose-(1-4)-2-acetamido-2-deoxy-beta-D-glucopyranose-(1-4)-2-acetamido-2-deoxy-beta-D-glucopyranose
4 water water
#
_entity_poly.entity_id   1
_entity_poly.type   'polypeptide(L)'
_entity_poly.pdbx_seq_one_letter_code
;GGADQKGPVFLKEPTNRIDFSNSTGAEIECKASGNPMPEIIWIRSDGTAVGDVPGLRQISSDGKLVFPPFRAEDYRQEVH
AQVYACLARNQFGSIISRDVHVRAVVNQFYGADILMEYVIRGNAAVLKCSIPSFVADFVRVESWIDEEGTELRPSENYDG
KYLVLPSGELHIREVGPEDGYKSYQCRTKHRLTGETRLSATKGRLVITEPVGSKAPTFATASKISSLLGSSSSDIVLLCQ
AQAFPVPYTRWYKFIEGTTRKQAVVLNDRVKQVSGTLIIKDAVVEDSGKYLCVVNNSVGGESVETVLTVTAPLSAKIDPP
TQTVDFGRPAVFTCQYTGNPIKTVSWMKDGKAIGHSEPVLRIESVKKEDKGMYQCFVRNDQESAEASAELKLGG
;
_entity_poly.pdbx_strand_id   A,B
#
loop_
_chem_comp.id
_chem_comp.type
_chem_comp.name
_chem_comp.formula
BMA D-saccharide, beta linking beta-D-mannopyranose 'C6 H12 O6'
MAN D-saccharide, alpha linking alpha-D-mannopyranose 'C6 H12 O6'
NAG D-saccharide, beta linking 2-acetamido-2-deoxy-beta-D-glucopyranose 'C8 H15 N O6'
#
# COMPACT_ATOMS: atom_id res chain seq x y z
N ASP A 4 -29.74 -3.38 -51.00
CA ASP A 4 -29.02 -2.41 -50.18
C ASP A 4 -27.74 -3.00 -49.61
N GLN A 5 -26.60 -2.51 -50.08
CA GLN A 5 -25.30 -3.00 -49.60
C GLN A 5 -24.92 -2.33 -48.29
N LYS A 6 -24.25 -3.10 -47.42
CA LYS A 6 -23.74 -2.58 -46.16
C LYS A 6 -22.41 -3.23 -45.81
N GLY A 7 -21.65 -2.57 -44.96
CA GLY A 7 -20.43 -3.15 -44.41
C GLY A 7 -20.78 -4.07 -43.26
N PRO A 8 -19.78 -4.78 -42.73
CA PRO A 8 -20.00 -5.69 -41.60
C PRO A 8 -20.27 -4.97 -40.29
N VAL A 9 -21.06 -5.59 -39.42
CA VAL A 9 -21.37 -5.03 -38.12
C VAL A 9 -21.58 -6.16 -37.12
N PHE A 10 -21.19 -5.93 -35.88
CA PHE A 10 -21.34 -6.93 -34.82
C PHE A 10 -22.71 -6.84 -34.16
N LEU A 11 -23.31 -8.01 -33.93
CA LEU A 11 -24.54 -8.12 -33.15
C LEU A 11 -24.21 -8.72 -31.80
N LYS A 12 -23.86 -10.00 -31.82
CA LYS A 12 -23.43 -10.72 -30.64
C LYS A 12 -21.91 -10.73 -30.61
N GLU A 13 -21.33 -10.16 -29.56
CA GLU A 13 -19.88 -10.11 -29.43
C GLU A 13 -19.48 -10.86 -28.15
N PRO A 14 -18.36 -11.59 -28.19
CA PRO A 14 -17.98 -12.35 -27.00
C PRO A 14 -17.58 -11.46 -25.83
N THR A 15 -17.68 -12.00 -24.61
CA THR A 15 -17.23 -11.29 -23.43
C THR A 15 -15.71 -11.30 -23.36
N ASN A 16 -15.14 -10.24 -22.79
CA ASN A 16 -13.69 -10.09 -22.73
C ASN A 16 -13.00 -11.23 -22.00
N ARG A 17 -13.50 -11.54 -20.81
CA ARG A 17 -12.88 -12.51 -19.93
C ARG A 17 -13.70 -13.78 -19.84
N ILE A 18 -13.07 -14.91 -20.14
CA ILE A 18 -13.74 -16.20 -20.08
C ILE A 18 -12.88 -17.21 -19.32
N ASP A 19 -13.40 -17.67 -18.19
CA ASP A 19 -12.72 -18.66 -17.37
C ASP A 19 -13.64 -19.86 -17.14
N PHE A 20 -13.08 -21.06 -17.28
CA PHE A 20 -13.84 -22.27 -17.05
C PHE A 20 -12.93 -23.41 -16.62
N SER A 21 -13.50 -24.36 -15.88
CA SER A 21 -12.74 -25.51 -15.41
C SER A 21 -12.60 -26.55 -16.52
N ASN A 22 -11.54 -27.35 -16.44
CA ASN A 22 -11.27 -28.38 -17.44
C ASN A 22 -12.42 -29.37 -17.56
N SER A 23 -13.19 -29.52 -16.49
CA SER A 23 -14.29 -30.49 -16.45
C SER A 23 -15.61 -29.88 -16.92
N THR A 24 -15.62 -28.55 -17.08
CA THR A 24 -16.84 -27.85 -17.49
C THR A 24 -16.87 -27.71 -19.01
N GLY A 25 -15.90 -26.97 -19.54
CA GLY A 25 -15.86 -26.68 -20.96
C GLY A 25 -16.78 -25.53 -21.27
N ALA A 26 -16.55 -24.85 -22.38
CA ALA A 26 -17.33 -23.66 -22.72
C ALA A 26 -17.43 -23.46 -24.22
N GLU A 27 -18.38 -22.63 -24.62
CA GLU A 27 -18.58 -22.28 -26.02
C GLU A 27 -18.81 -20.78 -26.14
N ILE A 28 -18.16 -20.16 -27.11
CA ILE A 28 -18.28 -18.73 -27.34
C ILE A 28 -18.84 -18.48 -28.73
N GLU A 29 -19.61 -17.40 -28.87
CA GLU A 29 -20.33 -17.13 -30.10
C GLU A 29 -20.08 -15.71 -30.60
N CYS A 30 -19.90 -15.61 -31.91
CA CYS A 30 -19.77 -14.32 -32.58
C CYS A 30 -20.77 -14.23 -33.72
N LYS A 31 -21.56 -13.17 -33.73
CA LYS A 31 -22.56 -12.96 -34.77
C LYS A 31 -22.36 -11.60 -35.42
N ALA A 32 -22.62 -11.54 -36.72
CA ALA A 32 -22.41 -10.32 -37.48
C ALA A 32 -23.51 -10.15 -38.53
N SER A 33 -23.64 -8.93 -39.03
CA SER A 33 -24.68 -8.60 -40.00
C SER A 33 -24.15 -7.64 -41.06
N GLY A 34 -25.06 -7.16 -41.91
CA GLY A 34 -24.70 -6.32 -43.04
C GLY A 34 -24.88 -7.10 -44.33
N ASN A 35 -25.09 -6.39 -45.43
CA ASN A 35 -25.34 -7.01 -46.73
C ASN A 35 -24.19 -6.80 -47.72
N PRO A 36 -23.61 -7.89 -48.25
CA PRO A 36 -23.94 -9.30 -48.01
C PRO A 36 -23.52 -9.75 -46.62
N MET A 37 -24.09 -10.85 -46.14
CA MET A 37 -23.79 -11.35 -44.81
C MET A 37 -22.29 -11.58 -44.63
N PRO A 38 -21.69 -11.02 -43.57
CA PRO A 38 -20.23 -11.11 -43.44
C PRO A 38 -19.73 -12.54 -43.26
N GLU A 39 -18.46 -12.76 -43.58
CA GLU A 39 -17.81 -14.03 -43.33
C GLU A 39 -17.15 -13.99 -41.96
N ILE A 40 -17.62 -14.85 -41.06
CA ILE A 40 -17.12 -14.88 -39.69
C ILE A 40 -15.96 -15.85 -39.57
N ILE A 41 -14.90 -15.41 -38.88
CA ILE A 41 -13.73 -16.22 -38.65
C ILE A 41 -13.21 -16.04 -37.24
N TRP A 42 -12.97 -17.16 -36.56
CA TRP A 42 -12.30 -17.13 -35.26
C TRP A 42 -10.81 -17.16 -35.51
N ILE A 43 -10.10 -16.25 -34.83
CA ILE A 43 -8.68 -16.08 -35.05
C ILE A 43 -7.98 -15.78 -33.73
N ARG A 44 -6.68 -16.04 -33.68
CA ARG A 44 -5.86 -15.64 -32.54
C ARG A 44 -5.80 -14.12 -32.51
N SER A 45 -5.41 -13.54 -31.39
CA SER A 45 -5.15 -12.10 -31.34
C SER A 45 -4.20 -11.76 -32.48
N ASP A 46 -3.24 -12.67 -32.69
CA ASP A 46 -2.43 -12.66 -33.90
C ASP A 46 -3.31 -13.10 -35.07
N GLY A 47 -3.14 -12.48 -36.24
CA GLY A 47 -4.19 -12.49 -37.24
C GLY A 47 -4.52 -13.80 -37.94
N THR A 48 -3.98 -14.91 -37.43
CA THR A 48 -4.13 -16.21 -38.09
C THR A 48 -5.46 -16.89 -37.82
N ALA A 49 -5.96 -17.59 -38.83
CA ALA A 49 -7.18 -18.39 -38.70
C ALA A 49 -7.00 -19.49 -37.67
N VAL A 50 -7.93 -19.56 -36.72
CA VAL A 50 -7.94 -20.63 -35.74
C VAL A 50 -8.31 -21.95 -36.42
N GLY A 51 -7.47 -22.96 -36.22
CA GLY A 51 -7.73 -24.28 -36.76
C GLY A 51 -8.37 -25.16 -35.71
N ASP A 52 -9.00 -26.24 -36.17
CA ASP A 52 -9.62 -27.20 -35.27
C ASP A 52 -8.55 -28.04 -34.58
N VAL A 53 -8.79 -28.37 -33.32
CA VAL A 53 -7.91 -29.25 -32.57
C VAL A 53 -8.75 -30.41 -32.04
N PRO A 54 -8.22 -31.64 -32.09
CA PRO A 54 -9.14 -32.72 -31.70
C PRO A 54 -9.52 -32.66 -30.22
N GLY A 55 -10.83 -32.55 -29.97
CA GLY A 55 -11.41 -32.72 -28.65
C GLY A 55 -11.21 -31.53 -27.72
N LEU A 56 -10.16 -30.76 -27.96
CA LEU A 56 -9.86 -29.57 -27.16
C LEU A 56 -10.57 -28.33 -27.66
N ARG A 57 -10.55 -28.14 -28.98
CA ARG A 57 -11.12 -26.95 -29.60
C ARG A 57 -11.81 -27.29 -30.92
N GLN A 58 -13.06 -26.89 -31.06
CA GLN A 58 -13.82 -27.18 -32.27
C GLN A 58 -14.72 -26.02 -32.67
N ILE A 59 -14.69 -25.69 -33.96
CA ILE A 59 -15.54 -24.65 -34.51
C ILE A 59 -16.83 -25.27 -35.01
N SER A 60 -17.95 -24.84 -34.44
CA SER A 60 -19.25 -25.30 -34.92
C SER A 60 -19.57 -24.62 -36.25
N SER A 61 -20.40 -25.29 -37.05
CA SER A 61 -20.68 -24.84 -38.41
C SER A 61 -21.49 -23.54 -38.43
N ASP A 62 -22.04 -23.16 -37.28
CA ASP A 62 -22.86 -21.96 -37.17
C ASP A 62 -22.02 -20.72 -36.84
N GLY A 63 -20.71 -20.88 -36.86
CA GLY A 63 -19.80 -19.80 -36.50
C GLY A 63 -19.68 -19.64 -35.00
N LYS A 64 -19.53 -20.77 -34.31
CA LYS A 64 -19.37 -20.79 -32.86
C LYS A 64 -18.15 -21.61 -32.47
N LEU A 65 -17.34 -21.06 -31.57
CA LEU A 65 -16.14 -21.74 -31.09
C LEU A 65 -16.44 -22.46 -29.77
N VAL A 66 -15.86 -23.65 -29.61
CA VAL A 66 -16.15 -24.50 -28.45
C VAL A 66 -14.87 -25.11 -27.89
N PHE A 67 -14.86 -25.31 -26.57
CA PHE A 67 -13.74 -25.94 -25.88
C PHE A 67 -14.26 -27.04 -24.95
N PRO A 68 -14.40 -28.27 -25.49
CA PRO A 68 -14.92 -29.38 -24.68
C PRO A 68 -14.01 -29.73 -23.49
N PRO A 69 -14.55 -30.44 -22.49
CA PRO A 69 -13.76 -30.83 -21.32
C PRO A 69 -12.58 -31.74 -21.66
N PHE A 70 -11.60 -31.80 -20.77
CA PHE A 70 -10.42 -32.62 -20.99
C PHE A 70 -9.71 -32.94 -19.67
N ARG A 71 -8.89 -33.99 -19.69
CA ARG A 71 -8.07 -34.34 -18.53
C ARG A 71 -6.80 -33.47 -18.49
N ALA A 72 -6.25 -33.31 -17.29
CA ALA A 72 -5.10 -32.44 -17.07
C ALA A 72 -3.93 -32.76 -18.00
N GLU A 73 -3.74 -34.04 -18.31
CA GLU A 73 -2.63 -34.46 -19.16
C GLU A 73 -2.80 -33.97 -20.59
N ASP A 74 -4.04 -33.69 -20.98
CA ASP A 74 -4.36 -33.27 -22.34
C ASP A 74 -4.36 -31.75 -22.48
N TYR A 75 -4.02 -31.05 -21.41
CA TYR A 75 -3.98 -29.59 -21.42
C TYR A 75 -2.90 -29.08 -22.37
N ARG A 76 -3.24 -28.07 -23.16
CA ARG A 76 -2.28 -27.46 -24.09
C ARG A 76 -2.37 -25.95 -24.01
N GLN A 77 -1.22 -25.31 -23.78
CA GLN A 77 -1.13 -23.88 -23.56
C GLN A 77 -1.62 -23.08 -24.76
N GLU A 78 -1.19 -23.50 -25.94
CA GLU A 78 -1.44 -22.74 -27.17
C GLU A 78 -2.92 -22.63 -27.51
N VAL A 79 -3.74 -23.41 -26.82
CA VAL A 79 -5.19 -23.41 -27.02
C VAL A 79 -5.90 -22.71 -25.87
N HIS A 80 -5.77 -23.29 -24.68
CA HIS A 80 -6.57 -22.89 -23.53
C HIS A 80 -6.09 -21.61 -22.86
N ALA A 81 -4.79 -21.33 -22.97
CA ALA A 81 -4.22 -20.11 -22.39
C ALA A 81 -4.14 -19.00 -23.44
N GLN A 82 -4.60 -19.30 -24.65
CA GLN A 82 -4.47 -18.37 -25.77
C GLN A 82 -5.51 -17.26 -25.72
N VAL A 83 -5.16 -16.10 -26.26
CA VAL A 83 -6.09 -14.99 -26.42
C VAL A 83 -6.68 -15.03 -27.83
N TYR A 84 -8.00 -15.01 -27.92
CA TYR A 84 -8.69 -15.13 -29.20
C TYR A 84 -9.41 -13.85 -29.60
N ALA A 85 -9.98 -13.86 -30.80
CA ALA A 85 -10.79 -12.76 -31.29
C ALA A 85 -11.68 -13.26 -32.44
N CYS A 86 -12.74 -12.51 -32.73
CA CYS A 86 -13.64 -12.84 -33.82
C CYS A 86 -13.50 -11.83 -34.95
N LEU A 87 -13.34 -12.33 -36.17
CA LEU A 87 -13.19 -11.47 -37.34
C LEU A 87 -14.38 -11.63 -38.28
N ALA A 88 -15.20 -10.59 -38.36
CA ALA A 88 -16.28 -10.53 -39.32
C ALA A 88 -15.83 -9.72 -40.52
N ARG A 89 -16.04 -10.24 -41.72
CA ARG A 89 -15.46 -9.65 -42.92
C ARG A 89 -16.45 -9.56 -44.06
N ASN A 90 -16.28 -8.53 -44.88
CA ASN A 90 -17.10 -8.33 -46.07
C ASN A 90 -16.20 -7.87 -47.21
N GLN A 91 -16.78 -7.67 -48.39
CA GLN A 91 -16.02 -7.18 -49.54
C GLN A 91 -15.54 -5.75 -49.29
N PHE A 92 -16.29 -5.01 -48.48
CA PHE A 92 -15.98 -3.61 -48.20
C PHE A 92 -14.84 -3.49 -47.19
N GLY A 93 -14.78 -4.44 -46.27
CA GLY A 93 -13.74 -4.43 -45.26
C GLY A 93 -13.95 -5.50 -44.21
N SER A 94 -13.27 -5.33 -43.07
CA SER A 94 -13.32 -6.32 -41.99
C SER A 94 -13.17 -5.63 -40.65
N ILE A 95 -13.59 -6.34 -39.60
CA ILE A 95 -13.46 -5.82 -38.24
C ILE A 95 -13.25 -6.96 -37.25
N ILE A 96 -12.51 -6.66 -36.19
CA ILE A 96 -12.25 -7.64 -35.14
C ILE A 96 -13.25 -7.37 -34.01
N SER A 97 -13.26 -8.24 -33.01
CA SER A 97 -14.08 -8.04 -31.82
C SER A 97 -13.21 -7.60 -30.66
N ARG A 98 -13.82 -7.40 -29.49
CA ARG A 98 -13.08 -7.11 -28.28
C ARG A 98 -12.17 -8.29 -27.97
N ASP A 99 -11.03 -8.02 -27.34
CA ASP A 99 -10.10 -9.10 -27.00
C ASP A 99 -10.77 -10.13 -26.11
N VAL A 100 -10.73 -11.38 -26.55
CA VAL A 100 -11.31 -12.48 -25.78
C VAL A 100 -10.21 -13.30 -25.16
N HIS A 101 -10.09 -13.22 -23.84
CA HIS A 101 -9.07 -13.97 -23.13
C HIS A 101 -9.64 -15.30 -22.69
N VAL A 102 -9.16 -16.37 -23.32
CA VAL A 102 -9.54 -17.72 -22.95
C VAL A 102 -8.53 -18.22 -21.94
N ARG A 103 -9.03 -18.57 -20.76
CA ARG A 103 -8.21 -19.18 -19.72
C ARG A 103 -8.94 -20.37 -19.14
N ALA A 104 -8.39 -21.56 -19.33
CA ALA A 104 -8.95 -22.76 -18.74
C ALA A 104 -8.10 -23.18 -17.57
N VAL A 105 -8.74 -23.39 -16.43
CA VAL A 105 -8.03 -23.80 -15.23
C VAL A 105 -8.18 -25.30 -15.08
N VAL A 106 -7.09 -26.01 -15.32
CA VAL A 106 -7.02 -27.41 -14.98
C VAL A 106 -7.31 -27.50 -13.50
N ASN A 107 -8.28 -28.32 -13.12
CA ASN A 107 -8.67 -28.42 -11.72
C ASN A 107 -7.45 -28.79 -10.89
N GLN A 108 -7.15 -27.94 -9.93
CA GLN A 108 -5.96 -28.11 -9.10
C GLN A 108 -6.23 -27.50 -7.74
N PHE A 109 -5.51 -27.98 -6.75
CA PHE A 109 -5.81 -27.65 -5.37
C PHE A 109 -5.29 -26.31 -4.91
N TYR A 110 -5.96 -25.76 -3.90
CA TYR A 110 -5.53 -24.57 -3.20
C TYR A 110 -5.71 -24.79 -1.70
N GLY A 111 -5.37 -23.78 -0.91
CA GLY A 111 -5.49 -23.86 0.53
C GLY A 111 -5.60 -22.47 1.13
N ALA A 112 -5.76 -22.42 2.45
CA ALA A 112 -5.88 -21.15 3.14
C ALA A 112 -5.34 -21.25 4.56
N ASP A 113 -4.88 -20.12 5.08
CA ASP A 113 -4.40 -20.04 6.45
C ASP A 113 -4.89 -18.74 7.07
N ILE A 114 -5.19 -18.78 8.37
CA ILE A 114 -5.72 -17.62 9.07
C ILE A 114 -4.73 -17.11 10.09
N LEU A 115 -4.20 -15.93 9.83
CA LEU A 115 -3.28 -15.28 10.75
C LEU A 115 -4.05 -14.84 12.00
N MET A 116 -3.48 -15.09 13.17
CA MET A 116 -4.11 -14.70 14.42
C MET A 116 -3.98 -13.20 14.60
N GLU A 117 -5.10 -12.52 14.73
CA GLU A 117 -5.13 -11.07 14.85
C GLU A 117 -4.92 -10.64 16.30
N TYR A 118 -3.83 -9.91 16.53
CA TYR A 118 -3.51 -9.43 17.88
C TYR A 118 -4.21 -8.10 18.13
N VAL A 119 -4.92 -8.04 19.26
CA VAL A 119 -5.82 -6.93 19.54
C VAL A 119 -5.81 -6.57 21.02
N ILE A 120 -6.13 -5.31 21.31
CA ILE A 120 -6.31 -4.83 22.67
C ILE A 120 -7.80 -4.62 22.93
N ARG A 121 -8.21 -4.83 24.17
CA ARG A 121 -9.62 -4.79 24.56
C ARG A 121 -10.33 -3.51 24.11
N GLY A 122 -11.55 -3.67 23.61
CA GLY A 122 -12.40 -2.55 23.25
C GLY A 122 -12.26 -2.12 21.80
N ASN A 123 -11.10 -2.41 21.21
CA ASN A 123 -10.88 -2.13 19.80
C ASN A 123 -11.46 -3.19 18.89
N ALA A 124 -11.75 -2.80 17.65
CA ALA A 124 -12.31 -3.72 16.66
C ALA A 124 -11.25 -4.70 16.18
N ALA A 125 -11.71 -5.84 15.65
CA ALA A 125 -10.82 -6.86 15.11
C ALA A 125 -11.30 -7.28 13.73
N VAL A 126 -10.35 -7.62 12.86
CA VAL A 126 -10.65 -8.04 11.50
C VAL A 126 -9.82 -9.26 11.13
N LEU A 127 -10.51 -10.35 10.78
CA LEU A 127 -9.85 -11.58 10.38
C LEU A 127 -9.91 -11.74 8.87
N LYS A 128 -8.75 -11.63 8.22
CA LYS A 128 -8.66 -11.86 6.79
C LYS A 128 -8.40 -13.33 6.55
N CYS A 129 -9.07 -13.91 5.55
CA CYS A 129 -8.78 -15.27 5.15
C CYS A 129 -7.75 -15.19 4.03
N SER A 130 -6.52 -15.59 4.33
CA SER A 130 -5.43 -15.41 3.38
C SER A 130 -5.53 -16.46 2.29
N ILE A 131 -5.29 -16.03 1.05
CA ILE A 131 -5.42 -16.89 -0.11
C ILE A 131 -4.26 -16.67 -1.06
N PRO A 132 -3.76 -17.76 -1.69
CA PRO A 132 -2.67 -17.60 -2.65
C PRO A 132 -3.02 -16.65 -3.79
N SER A 133 -2.02 -15.88 -4.24
CA SER A 133 -2.23 -14.83 -5.21
C SER A 133 -2.78 -15.33 -6.56
N PHE A 134 -2.52 -16.59 -6.87
CA PHE A 134 -2.88 -17.12 -8.20
C PHE A 134 -4.36 -17.49 -8.26
N VAL A 135 -4.91 -17.97 -7.16
CA VAL A 135 -6.30 -18.42 -7.13
C VAL A 135 -7.23 -17.33 -6.60
N ALA A 136 -6.67 -16.15 -6.32
CA ALA A 136 -7.43 -15.05 -5.74
C ALA A 136 -8.67 -14.70 -6.58
N ASP A 137 -8.51 -14.75 -7.89
CA ASP A 137 -9.61 -14.39 -8.80
C ASP A 137 -10.63 -15.54 -8.93
N PHE A 138 -10.16 -16.76 -8.76
CA PHE A 138 -11.02 -17.93 -8.90
C PHE A 138 -11.66 -18.36 -7.58
N VAL A 139 -11.23 -17.75 -6.49
CA VAL A 139 -11.71 -18.12 -5.17
C VAL A 139 -11.97 -16.90 -4.29
N ARG A 140 -13.12 -16.93 -3.62
CA ARG A 140 -13.46 -15.91 -2.63
C ARG A 140 -14.12 -16.59 -1.44
N VAL A 141 -14.21 -15.86 -0.33
CA VAL A 141 -14.77 -16.42 0.90
C VAL A 141 -16.29 -16.30 0.89
N GLU A 142 -16.95 -17.45 0.93
CA GLU A 142 -18.41 -17.50 0.94
C GLU A 142 -18.99 -17.25 2.33
N SER A 143 -18.37 -17.88 3.34
CA SER A 143 -18.92 -17.88 4.69
C SER A 143 -17.87 -18.11 5.76
N TRP A 144 -18.22 -17.76 7.00
CA TRP A 144 -17.36 -17.97 8.15
C TRP A 144 -18.04 -18.89 9.18
N ILE A 145 -17.33 -19.94 9.57
CA ILE A 145 -17.86 -20.89 10.56
C ILE A 145 -17.01 -20.83 11.83
N ASP A 146 -17.68 -20.69 12.97
CA ASP A 146 -17.00 -20.54 14.25
C ASP A 146 -16.63 -21.90 14.85
N GLU A 147 -15.95 -21.88 15.99
CA GLU A 147 -15.61 -23.10 16.71
C GLU A 147 -16.89 -23.81 17.13
N GLU A 148 -17.90 -23.02 17.47
CA GLU A 148 -19.19 -23.54 17.92
C GLU A 148 -19.93 -24.21 16.77
N GLY A 149 -19.50 -23.92 15.54
CA GLY A 149 -20.10 -24.50 14.37
C GLY A 149 -21.14 -23.59 13.74
N THR A 150 -21.43 -22.48 14.40
CA THR A 150 -22.39 -21.52 13.85
C THR A 150 -21.81 -20.89 12.60
N GLU A 151 -22.68 -20.49 11.68
CA GLU A 151 -22.27 -20.01 10.36
C GLU A 151 -22.66 -18.55 10.17
N LEU A 152 -21.86 -17.83 9.40
CA LEU A 152 -22.05 -16.39 9.19
C LEU A 152 -21.95 -16.03 7.71
N ARG A 153 -22.68 -14.99 7.31
CA ARG A 153 -22.66 -14.52 5.94
C ARG A 153 -22.59 -12.99 5.88
N PRO A 154 -22.19 -12.44 4.73
CA PRO A 154 -22.08 -10.99 4.55
C PRO A 154 -23.46 -10.34 4.38
N SER A 155 -24.29 -10.46 5.40
CA SER A 155 -25.63 -9.90 5.38
C SER A 155 -25.59 -8.38 5.41
N GLU A 156 -26.72 -7.76 5.05
CA GLU A 156 -26.91 -6.33 5.24
C GLU A 156 -27.16 -6.11 6.72
N ASN A 157 -27.60 -4.91 7.10
CA ASN A 157 -27.79 -4.59 8.51
C ASN A 157 -26.45 -4.70 9.24
N TYR A 158 -25.55 -3.75 9.00
CA TYR A 158 -24.28 -3.78 9.71
C TYR A 158 -24.55 -3.25 11.11
N ASP A 159 -24.45 -4.15 12.07
CA ASP A 159 -24.81 -3.89 13.46
C ASP A 159 -24.39 -5.11 14.25
N GLY A 160 -24.68 -5.12 15.54
CA GLY A 160 -24.31 -6.26 16.37
C GLY A 160 -22.81 -6.40 16.40
N LYS A 161 -22.32 -7.49 16.97
CA LYS A 161 -20.89 -7.65 17.16
C LYS A 161 -20.20 -8.17 15.91
N TYR A 162 -20.54 -9.40 15.50
CA TYR A 162 -19.86 -10.06 14.39
C TYR A 162 -20.47 -9.64 13.06
N LEU A 163 -19.61 -9.34 12.09
CA LEU A 163 -20.06 -8.98 10.76
C LEU A 163 -19.08 -9.46 9.70
N VAL A 164 -19.61 -9.87 8.55
CA VAL A 164 -18.78 -10.23 7.40
C VAL A 164 -18.91 -9.14 6.34
N LEU A 165 -17.76 -8.68 5.84
CA LEU A 165 -17.75 -7.65 4.81
C LEU A 165 -17.83 -8.29 3.43
N PRO A 166 -18.34 -7.54 2.43
CA PRO A 166 -18.43 -8.03 1.05
C PRO A 166 -17.09 -8.51 0.51
N SER A 167 -16.00 -7.90 0.95
CA SER A 167 -14.67 -8.28 0.50
C SER A 167 -14.21 -9.59 1.15
N GLY A 168 -14.94 -10.02 2.17
CA GLY A 168 -14.74 -11.33 2.77
C GLY A 168 -14.11 -11.34 4.14
N GLU A 169 -13.65 -10.18 4.62
CA GLU A 169 -13.04 -10.10 5.94
C GLU A 169 -14.09 -10.22 7.04
N LEU A 170 -13.75 -10.96 8.09
CA LEU A 170 -14.63 -11.11 9.25
C LEU A 170 -14.36 -9.99 10.24
N HIS A 171 -15.37 -9.18 10.50
CA HIS A 171 -15.22 -8.01 11.37
C HIS A 171 -15.86 -8.23 12.74
N ILE A 172 -15.16 -7.78 13.78
CA ILE A 172 -15.66 -7.86 15.15
C ILE A 172 -15.33 -6.56 15.88
N ARG A 173 -16.32 -5.96 16.51
CA ARG A 173 -16.10 -4.76 17.31
C ARG A 173 -16.13 -5.09 18.80
N GLU A 174 -15.83 -4.09 19.63
CA GLU A 174 -15.92 -4.20 21.09
C GLU A 174 -15.36 -5.52 21.59
N VAL A 175 -14.20 -5.91 21.07
CA VAL A 175 -13.59 -7.18 21.42
C VAL A 175 -13.31 -7.23 22.91
N GLY A 176 -13.40 -8.43 23.49
CA GLY A 176 -13.13 -8.64 24.89
C GLY A 176 -12.56 -10.04 25.11
N PRO A 177 -12.06 -10.30 26.32
CA PRO A 177 -11.48 -11.60 26.68
C PRO A 177 -12.44 -12.75 26.42
N GLU A 178 -13.73 -12.47 26.51
CA GLU A 178 -14.76 -13.48 26.28
C GLU A 178 -14.75 -13.95 24.83
N ASP A 179 -14.27 -13.09 23.94
CA ASP A 179 -14.24 -13.37 22.51
C ASP A 179 -12.89 -13.96 22.05
N GLY A 180 -11.96 -14.11 23.00
CA GLY A 180 -10.66 -14.68 22.69
C GLY A 180 -10.70 -16.19 22.72
N TYR A 181 -11.69 -16.74 23.43
CA TYR A 181 -11.85 -18.18 23.57
C TYR A 181 -12.28 -18.81 22.25
N LYS A 182 -13.18 -18.14 21.54
CA LYS A 182 -13.69 -18.66 20.29
C LYS A 182 -12.62 -18.72 19.21
N SER A 183 -12.79 -19.64 18.26
CA SER A 183 -11.85 -19.83 17.17
C SER A 183 -12.63 -20.03 15.85
N TYR A 184 -12.28 -19.24 14.85
CA TYR A 184 -13.10 -19.15 13.64
C TYR A 184 -12.41 -19.76 12.42
N GLN A 185 -13.23 -20.25 11.49
CA GLN A 185 -12.75 -20.83 10.24
C GLN A 185 -13.55 -20.27 9.07
N CYS A 186 -12.86 -19.78 8.06
CA CYS A 186 -13.54 -19.25 6.87
C CYS A 186 -14.00 -20.40 5.98
N ARG A 187 -14.71 -20.04 4.92
CA ARG A 187 -15.15 -21.03 3.93
C ARG A 187 -14.93 -20.47 2.53
N THR A 188 -14.08 -21.14 1.76
CA THR A 188 -13.74 -20.70 0.42
C THR A 188 -14.45 -21.55 -0.61
N LYS A 189 -14.98 -20.89 -1.64
CA LYS A 189 -15.70 -21.57 -2.69
C LYS A 189 -15.13 -21.21 -4.06
N HIS A 190 -14.70 -22.24 -4.80
CA HIS A 190 -14.17 -22.05 -6.13
C HIS A 190 -15.32 -21.75 -7.08
N ARG A 191 -15.25 -20.62 -7.78
CA ARG A 191 -16.37 -20.13 -8.56
C ARG A 191 -16.65 -20.99 -9.80
N LEU A 192 -15.60 -21.51 -10.41
CA LEU A 192 -15.75 -22.32 -11.62
C LEU A 192 -16.34 -23.70 -11.31
N THR A 193 -15.71 -24.42 -10.38
CA THR A 193 -16.15 -25.76 -10.03
C THR A 193 -17.34 -25.75 -9.06
N GLY A 194 -17.35 -24.76 -8.18
CA GLY A 194 -18.34 -24.70 -7.12
C GLY A 194 -17.88 -25.46 -5.89
N GLU A 195 -16.68 -26.00 -5.96
CA GLU A 195 -16.10 -26.76 -4.84
C GLU A 195 -15.92 -25.86 -3.62
N THR A 196 -16.13 -26.42 -2.44
CA THR A 196 -16.07 -25.68 -1.19
C THR A 196 -15.01 -26.26 -0.27
N ARG A 197 -14.10 -25.41 0.21
CA ARG A 197 -13.10 -25.82 1.20
C ARG A 197 -13.32 -25.07 2.50
N LEU A 198 -13.18 -25.78 3.61
CA LEU A 198 -13.24 -25.17 4.93
C LEU A 198 -11.83 -25.12 5.50
N SER A 199 -11.39 -23.91 5.85
CA SER A 199 -10.02 -23.68 6.27
C SER A 199 -9.60 -24.59 7.42
N ALA A 200 -8.43 -25.21 7.27
CA ALA A 200 -7.89 -26.10 8.28
C ALA A 200 -7.46 -25.30 9.50
N THR A 201 -6.80 -24.18 9.25
CA THR A 201 -6.31 -23.32 10.32
C THR A 201 -7.46 -22.60 11.00
N LYS A 202 -7.42 -22.56 12.33
CA LYS A 202 -8.46 -21.91 13.12
C LYS A 202 -7.95 -20.60 13.71
N GLY A 203 -8.45 -19.48 13.17
CA GLY A 203 -8.04 -18.17 13.66
C GLY A 203 -8.67 -17.87 15.00
N ARG A 204 -7.85 -17.36 15.93
CA ARG A 204 -8.32 -16.92 17.24
C ARG A 204 -7.65 -15.60 17.59
N LEU A 205 -8.27 -14.85 18.48
CA LEU A 205 -7.77 -13.52 18.83
C LEU A 205 -7.03 -13.53 20.16
N VAL A 206 -5.84 -12.94 20.14
CA VAL A 206 -5.06 -12.74 21.35
C VAL A 206 -5.40 -11.36 21.89
N ILE A 207 -6.06 -11.34 23.05
CA ILE A 207 -6.53 -10.10 23.65
C ILE A 207 -5.52 -9.61 24.68
N THR A 208 -5.13 -8.35 24.54
CA THR A 208 -4.16 -7.74 25.44
C THR A 208 -4.85 -6.74 26.36
N GLU A 209 -4.84 -7.03 27.65
CA GLU A 209 -5.38 -6.12 28.66
C GLU A 209 -4.64 -4.78 28.57
N PRO A 210 -5.38 -3.68 28.36
CA PRO A 210 -4.69 -2.39 28.26
C PRO A 210 -3.97 -2.04 29.55
N VAL A 211 -2.68 -1.71 29.45
CA VAL A 211 -1.93 -1.18 30.58
C VAL A 211 -1.22 0.08 30.13
N GLY A 212 -1.65 1.21 30.68
CA GLY A 212 -1.10 2.49 30.29
C GLY A 212 -1.62 2.92 28.93
N SER A 213 -1.42 4.19 28.61
CA SER A 213 -1.92 4.76 27.35
C SER A 213 -0.94 4.49 26.22
N LYS A 214 -1.49 4.24 25.02
CA LYS A 214 -0.68 3.86 23.87
C LYS A 214 -1.10 4.59 22.60
N ALA A 215 -0.16 5.27 21.97
CA ALA A 215 -0.42 5.99 20.73
C ALA A 215 -0.96 5.04 19.66
N PRO A 216 -1.73 5.57 18.68
CA PRO A 216 -2.34 4.73 17.66
C PRO A 216 -1.33 4.14 16.68
N THR A 217 -1.58 2.90 16.25
CA THR A 217 -0.64 2.16 15.41
C THR A 217 -1.37 1.37 14.32
N PHE A 218 -0.84 1.43 13.10
CA PHE A 218 -1.39 0.69 11.97
C PHE A 218 -0.70 -0.66 11.80
N ALA A 219 -1.48 -1.65 11.38
CA ALA A 219 -1.00 -3.02 11.22
C ALA A 219 -0.02 -3.17 10.07
N THR A 220 0.05 -2.16 9.21
CA THR A 220 0.85 -2.21 7.99
C THR A 220 2.13 -1.37 8.13
N ALA A 221 1.94 -0.08 8.41
CA ALA A 221 2.99 0.96 8.35
C ALA A 221 3.09 1.55 6.95
N SER A 222 2.34 0.99 6.01
CA SER A 222 2.18 1.62 4.69
C SER A 222 1.16 2.74 4.79
N LYS A 223 1.46 3.85 4.12
CA LYS A 223 0.57 5.01 4.11
C LYS A 223 -0.39 4.96 2.92
N ILE A 224 -0.18 4.00 2.02
CA ILE A 224 -0.99 3.93 0.81
C ILE A 224 -1.33 2.52 0.36
N SER A 225 -2.61 2.32 0.04
CA SER A 225 -3.07 1.16 -0.70
C SER A 225 -3.78 1.67 -1.95
N SER A 226 -4.21 0.74 -2.81
CA SER A 226 -5.04 1.06 -3.95
C SER A 226 -6.06 -0.04 -4.15
N LEU A 227 -7.34 0.34 -4.19
CA LEU A 227 -8.41 -0.64 -4.33
C LEU A 227 -9.20 -0.44 -5.62
N LEU A 228 -9.68 -1.57 -6.15
CA LEU A 228 -10.49 -1.58 -7.36
C LEU A 228 -11.81 -2.28 -7.08
N GLY A 229 -12.89 -1.73 -7.60
CA GLY A 229 -14.18 -2.37 -7.48
C GLY A 229 -15.13 -1.93 -8.58
N SER A 230 -16.08 -2.79 -8.91
CA SER A 230 -17.06 -2.49 -9.94
C SER A 230 -18.18 -1.61 -9.38
N SER A 231 -18.83 -0.86 -10.26
CA SER A 231 -19.99 -0.06 -9.88
C SER A 231 -21.12 -1.00 -9.49
N SER A 232 -22.05 -0.49 -8.67
CA SER A 232 -23.21 -1.26 -8.22
C SER A 232 -22.84 -2.32 -7.18
N SER A 233 -21.55 -2.48 -6.90
CA SER A 233 -21.07 -3.43 -5.90
C SER A 233 -20.58 -2.72 -4.66
N ASP A 234 -20.79 -3.35 -3.50
CA ASP A 234 -20.40 -2.77 -2.22
C ASP A 234 -18.88 -2.83 -2.05
N ILE A 235 -18.27 -1.69 -1.74
CA ILE A 235 -16.82 -1.60 -1.61
C ILE A 235 -16.44 -1.30 -0.15
N VAL A 236 -15.28 -1.80 0.25
CA VAL A 236 -14.82 -1.67 1.63
C VAL A 236 -13.50 -0.93 1.74
N LEU A 237 -13.55 0.24 2.38
CA LEU A 237 -12.36 0.97 2.79
C LEU A 237 -12.20 0.74 4.29
N LEU A 238 -11.06 0.19 4.70
CA LEU A 238 -10.91 -0.29 6.06
C LEU A 238 -9.67 0.24 6.75
N CYS A 239 -9.82 0.56 8.03
CA CYS A 239 -8.75 1.10 8.86
C CYS A 239 -8.39 0.09 9.96
N GLN A 240 -7.14 -0.36 9.93
CA GLN A 240 -6.68 -1.44 10.82
C GLN A 240 -6.05 -0.91 12.10
N ALA A 241 -6.09 0.41 12.28
CA ALA A 241 -5.39 1.05 13.39
C ALA A 241 -5.85 0.53 14.76
N GLN A 242 -4.87 0.20 15.60
CA GLN A 242 -5.12 -0.19 16.99
C GLN A 242 -4.59 0.89 17.92
N ALA A 243 -5.39 1.29 18.89
CA ALA A 243 -5.01 2.37 19.80
C ALA A 243 -5.70 2.25 21.15
N PHE A 244 -5.03 2.78 22.19
CA PHE A 244 -5.63 2.90 23.50
C PHE A 244 -5.30 4.27 24.10
N PRO A 245 -6.28 4.95 24.73
CA PRO A 245 -7.72 4.65 24.82
C PRO A 245 -8.36 4.50 23.45
N VAL A 246 -9.50 3.81 23.41
CA VAL A 246 -10.11 3.44 22.13
C VAL A 246 -10.33 4.69 21.27
N PRO A 247 -9.73 4.71 20.06
CA PRO A 247 -9.69 5.93 19.26
C PRO A 247 -11.00 6.22 18.55
N TYR A 248 -11.24 7.49 18.24
CA TYR A 248 -12.32 7.87 17.34
C TYR A 248 -11.72 8.01 15.95
N THR A 249 -12.40 7.42 14.96
CA THR A 249 -11.90 7.39 13.60
C THR A 249 -12.81 8.21 12.69
N ARG A 250 -12.22 8.85 11.69
CA ARG A 250 -12.97 9.64 10.74
C ARG A 250 -12.36 9.55 9.35
N TRP A 251 -13.21 9.49 8.34
CA TRP A 251 -12.78 9.37 6.95
C TRP A 251 -12.94 10.70 6.23
N TYR A 252 -12.04 10.95 5.27
CA TYR A 252 -12.12 12.13 4.43
C TYR A 252 -11.85 11.74 2.98
N LYS A 253 -12.19 12.65 2.07
CA LYS A 253 -11.94 12.44 0.64
C LYS A 253 -11.28 13.68 0.06
N PHE A 254 -10.06 13.51 -0.44
CA PHE A 254 -9.32 14.61 -1.04
C PHE A 254 -10.05 15.14 -2.27
N ILE A 255 -9.90 16.44 -2.52
CA ILE A 255 -10.38 17.01 -3.77
C ILE A 255 -9.42 16.59 -4.86
N GLU A 256 -9.89 16.49 -6.09
CA GLU A 256 -9.09 15.95 -7.17
C GLU A 256 -7.86 16.82 -7.42
N GLY A 257 -6.68 16.21 -7.33
CA GLY A 257 -5.43 16.89 -7.62
C GLY A 257 -5.04 17.97 -6.62
N THR A 258 -5.64 17.96 -5.44
CA THR A 258 -5.34 18.94 -4.41
C THR A 258 -4.87 18.30 -3.11
N THR A 259 -4.19 19.11 -2.29
CA THR A 259 -3.83 18.71 -0.94
C THR A 259 -5.01 18.96 0.01
N ARG A 260 -6.02 19.66 -0.50
CA ARG A 260 -7.20 19.98 0.28
C ARG A 260 -8.06 18.74 0.47
N LYS A 261 -8.84 18.73 1.55
CA LYS A 261 -9.64 17.55 1.90
C LYS A 261 -11.00 17.96 2.45
N GLN A 262 -11.95 17.04 2.37
CA GLN A 262 -13.28 17.27 2.91
C GLN A 262 -13.80 16.00 3.58
N ALA A 263 -14.68 16.18 4.55
CA ALA A 263 -15.26 15.06 5.29
C ALA A 263 -16.18 14.25 4.38
N VAL A 264 -16.42 13.01 4.77
CA VAL A 264 -17.28 12.11 4.02
C VAL A 264 -18.71 12.17 4.53
N VAL A 265 -19.66 12.07 3.61
CA VAL A 265 -21.07 12.08 3.94
C VAL A 265 -21.52 10.67 4.34
N LEU A 266 -22.08 10.55 5.54
CA LEU A 266 -22.63 9.28 6.01
C LEU A 266 -24.13 9.25 5.75
N ASN A 267 -24.61 8.10 5.32
CA ASN A 267 -26.03 7.92 5.04
C ASN A 267 -26.39 6.44 4.96
N ASP A 268 -27.60 6.15 4.52
CA ASP A 268 -28.05 4.78 4.34
C ASP A 268 -27.11 4.01 3.42
N ARG A 269 -26.64 4.68 2.37
CA ARG A 269 -25.74 4.06 1.40
C ARG A 269 -24.32 3.91 1.96
N VAL A 270 -23.78 5.00 2.48
CA VAL A 270 -22.42 5.00 3.03
C VAL A 270 -22.47 4.90 4.55
N LYS A 271 -22.02 3.77 5.07
CA LYS A 271 -22.09 3.49 6.50
C LYS A 271 -20.70 3.13 7.02
N GLN A 272 -20.30 3.79 8.10
CA GLN A 272 -19.01 3.55 8.71
C GLN A 272 -19.12 2.59 9.88
N VAL A 273 -18.41 1.47 9.81
CA VAL A 273 -18.36 0.51 10.90
C VAL A 273 -16.98 0.55 11.55
N SER A 274 -16.93 1.04 12.79
CA SER A 274 -15.67 1.21 13.50
C SER A 274 -14.72 2.07 12.67
N GLY A 275 -13.58 1.51 12.28
CA GLY A 275 -12.64 2.20 11.42
C GLY A 275 -12.90 1.89 9.96
N THR A 276 -13.90 1.05 9.69
CA THR A 276 -14.14 0.54 8.34
C THR A 276 -15.24 1.31 7.63
N LEU A 277 -14.89 1.87 6.47
CA LEU A 277 -15.81 2.62 5.64
C LEU A 277 -16.36 1.72 4.53
N ILE A 278 -17.68 1.74 4.34
CA ILE A 278 -18.32 0.92 3.33
C ILE A 278 -19.15 1.79 2.39
N ILE A 279 -18.97 1.54 1.09
CA ILE A 279 -19.74 2.24 0.06
C ILE A 279 -20.63 1.25 -0.67
N LYS A 280 -21.93 1.37 -0.46
CA LYS A 280 -22.91 0.54 -1.16
C LYS A 280 -23.20 1.08 -2.54
N ASP A 281 -23.41 0.16 -3.49
CA ASP A 281 -23.78 0.50 -4.86
C ASP A 281 -22.88 1.62 -5.39
N ALA A 282 -21.60 1.30 -5.55
CA ALA A 282 -20.60 2.28 -5.94
C ALA A 282 -20.86 2.79 -7.35
N VAL A 283 -20.36 3.99 -7.62
CA VAL A 283 -20.45 4.60 -8.94
C VAL A 283 -19.14 5.33 -9.23
N VAL A 284 -18.96 5.70 -10.49
CA VAL A 284 -17.70 6.31 -10.95
C VAL A 284 -17.33 7.55 -10.15
N GLU A 285 -18.32 8.23 -9.60
CA GLU A 285 -18.10 9.49 -8.89
C GLU A 285 -17.32 9.28 -7.59
N ASP A 286 -17.31 8.04 -7.11
CA ASP A 286 -16.68 7.72 -5.83
C ASP A 286 -15.17 7.57 -5.96
N SER A 287 -14.69 7.42 -7.20
CA SER A 287 -13.27 7.23 -7.44
C SER A 287 -12.46 8.46 -6.99
N GLY A 288 -11.43 8.21 -6.20
CA GLY A 288 -10.58 9.28 -5.71
C GLY A 288 -9.80 8.86 -4.49
N LYS A 289 -8.89 9.71 -4.04
CA LYS A 289 -8.08 9.41 -2.88
C LYS A 289 -8.87 9.61 -1.59
N TYR A 290 -8.74 8.65 -0.67
CA TYR A 290 -9.42 8.69 0.61
C TYR A 290 -8.39 8.74 1.73
N LEU A 291 -8.81 9.20 2.90
CA LEU A 291 -7.92 9.33 4.03
C LEU A 291 -8.57 8.83 5.32
N CYS A 292 -7.94 7.82 5.93
CA CYS A 292 -8.41 7.28 7.20
C CYS A 292 -7.65 7.95 8.35
N VAL A 293 -8.38 8.68 9.19
CA VAL A 293 -7.78 9.41 10.29
C VAL A 293 -8.19 8.79 11.61
N VAL A 294 -7.21 8.57 12.49
CA VAL A 294 -7.43 7.94 13.78
C VAL A 294 -6.72 8.74 14.86
N ASN A 295 -7.46 9.16 15.88
CA ASN A 295 -6.92 9.97 16.96
C ASN A 295 -7.28 9.43 18.33
N ASN A 296 -6.71 10.06 19.35
CA ASN A 296 -6.98 9.77 20.75
C ASN A 296 -6.16 10.70 21.62
N SER A 297 -6.34 10.61 22.93
CA SER A 297 -5.74 11.54 23.87
C SER A 297 -4.22 11.64 23.73
N VAL A 298 -3.57 10.57 23.27
CA VAL A 298 -2.12 10.58 23.11
C VAL A 298 -1.70 11.27 21.81
N GLY A 299 -2.41 10.97 20.73
CA GLY A 299 -2.03 11.47 19.42
C GLY A 299 -2.87 10.88 18.31
N GLY A 300 -2.34 10.89 17.09
CA GLY A 300 -3.05 10.38 15.95
C GLY A 300 -2.11 9.95 14.82
N GLU A 301 -2.63 9.10 13.94
CA GLU A 301 -1.89 8.67 12.76
C GLU A 301 -2.89 8.34 11.66
N SER A 302 -2.47 8.54 10.41
CA SER A 302 -3.36 8.38 9.26
C SER A 302 -2.72 7.65 8.11
N VAL A 303 -3.55 7.04 7.28
CA VAL A 303 -3.13 6.43 6.03
C VAL A 303 -4.13 6.80 4.95
N GLU A 304 -3.64 7.00 3.74
CA GLU A 304 -4.49 7.42 2.63
C GLU A 304 -4.68 6.25 1.67
N THR A 305 -5.86 6.17 1.05
CA THR A 305 -6.20 5.04 0.21
C THR A 305 -6.80 5.50 -1.11
N VAL A 306 -6.18 5.06 -2.21
CA VAL A 306 -6.64 5.40 -3.54
C VAL A 306 -7.72 4.42 -3.98
N LEU A 307 -8.87 4.94 -4.38
CA LEU A 307 -9.97 4.10 -4.85
C LEU A 307 -10.29 4.41 -6.32
N THR A 308 -10.41 3.35 -7.10
CA THR A 308 -10.78 3.46 -8.51
C THR A 308 -11.97 2.55 -8.79
N VAL A 309 -13.11 3.15 -9.11
CA VAL A 309 -14.33 2.40 -9.39
C VAL A 309 -14.44 2.13 -10.88
N THR A 310 -14.56 0.87 -11.25
CA THR A 310 -14.65 0.49 -12.65
C THR A 310 -16.07 0.72 -13.17
N ALA A 311 -16.18 0.92 -14.48
CA ALA A 311 -17.47 0.99 -15.14
C ALA A 311 -17.38 0.20 -16.45
N PRO A 312 -18.46 -0.49 -16.84
CA PRO A 312 -18.45 -1.28 -18.08
C PRO A 312 -18.07 -0.44 -19.29
N LEU A 313 -17.11 -0.93 -20.07
CA LEU A 313 -16.64 -0.21 -21.25
C LEU A 313 -17.58 -0.45 -22.43
N SER A 314 -18.03 0.64 -23.04
CA SER A 314 -18.84 0.58 -24.25
C SER A 314 -18.47 1.74 -25.16
N ALA A 315 -18.42 1.47 -26.46
CA ALA A 315 -17.98 2.45 -27.44
C ALA A 315 -19.06 2.76 -28.46
N LYS A 316 -19.07 3.99 -28.94
CA LYS A 316 -19.99 4.43 -29.97
C LYS A 316 -19.25 5.31 -30.96
N ILE A 317 -19.37 4.99 -32.25
CA ILE A 317 -18.76 5.80 -33.29
C ILE A 317 -19.82 6.66 -33.96
N ASP A 318 -19.45 7.90 -34.26
CA ASP A 318 -20.31 8.79 -35.02
C ASP A 318 -19.51 9.54 -36.09
N PRO A 319 -20.06 9.69 -37.30
CA PRO A 319 -21.30 9.04 -37.75
C PRO A 319 -21.08 7.54 -37.94
N PRO A 320 -22.14 6.74 -37.83
CA PRO A 320 -21.98 5.28 -38.02
C PRO A 320 -21.52 4.98 -39.44
N THR A 321 -22.04 5.75 -40.39
CA THR A 321 -21.65 5.63 -41.80
C THR A 321 -21.72 7.01 -42.45
N GLN A 322 -20.95 7.19 -43.51
CA GLN A 322 -21.01 8.43 -44.28
C GLN A 322 -20.41 8.26 -45.66
N THR A 323 -20.49 9.32 -46.46
CA THR A 323 -19.89 9.34 -47.79
C THR A 323 -19.31 10.72 -48.07
N VAL A 324 -18.04 10.74 -48.45
CA VAL A 324 -17.34 11.98 -48.77
C VAL A 324 -16.59 11.86 -50.09
N ASP A 325 -16.65 12.93 -50.89
CA ASP A 325 -15.99 12.97 -52.18
C ASP A 325 -14.49 13.17 -52.01
N PHE A 326 -13.73 12.82 -53.06
CA PHE A 326 -12.28 12.99 -53.05
C PHE A 326 -11.89 14.43 -52.73
N GLY A 327 -10.88 14.58 -51.89
CA GLY A 327 -10.39 15.90 -51.52
C GLY A 327 -11.11 16.45 -50.31
N ARG A 328 -12.30 15.92 -50.04
CA ARG A 328 -13.09 16.37 -48.89
C ARG A 328 -12.67 15.60 -47.64
N PRO A 329 -12.75 16.25 -46.47
CA PRO A 329 -12.31 15.59 -45.24
C PRO A 329 -13.28 14.53 -44.74
N ALA A 330 -12.73 13.44 -44.21
CA ALA A 330 -13.51 12.40 -43.55
C ALA A 330 -13.35 12.58 -42.05
N VAL A 331 -14.42 12.32 -41.30
CA VAL A 331 -14.39 12.51 -39.85
C VAL A 331 -15.16 11.42 -39.13
N PHE A 332 -14.53 10.85 -38.11
CA PHE A 332 -15.18 9.85 -37.26
C PHE A 332 -14.90 10.15 -35.79
N THR A 333 -15.97 10.30 -35.02
CA THR A 333 -15.87 10.58 -33.59
C THR A 333 -16.24 9.35 -32.79
N CYS A 334 -15.28 8.81 -32.04
CA CYS A 334 -15.55 7.69 -31.16
C CYS A 334 -15.86 8.21 -29.75
N GLN A 335 -17.11 8.07 -29.35
CA GLN A 335 -17.55 8.46 -28.01
C GLN A 335 -17.82 7.20 -27.22
N TYR A 336 -17.13 7.06 -26.09
CA TYR A 336 -17.12 5.81 -25.35
C TYR A 336 -17.79 5.94 -23.99
N THR A 337 -17.85 4.82 -23.29
CA THR A 337 -18.45 4.74 -21.97
C THR A 337 -17.55 3.87 -21.11
N GLY A 338 -17.69 3.98 -19.80
CA GLY A 338 -16.95 3.14 -18.88
C GLY A 338 -15.80 3.88 -18.21
N ASN A 339 -15.03 3.14 -17.43
CA ASN A 339 -13.98 3.70 -16.59
C ASN A 339 -13.24 2.56 -15.88
N PRO A 340 -11.92 2.68 -15.72
CA PRO A 340 -11.05 3.76 -16.19
C PRO A 340 -10.77 3.65 -17.69
N ILE A 341 -10.04 4.63 -18.22
CA ILE A 341 -9.67 4.67 -19.63
C ILE A 341 -8.17 4.80 -19.78
N LYS A 342 -7.57 3.79 -20.40
CA LYS A 342 -6.12 3.75 -20.59
C LYS A 342 -5.77 4.26 -21.98
N THR A 343 -6.22 3.54 -23.00
CA THR A 343 -5.94 3.90 -24.38
C THR A 343 -7.19 3.95 -25.23
N VAL A 344 -7.16 4.83 -26.23
CA VAL A 344 -8.19 4.88 -27.26
C VAL A 344 -7.50 4.82 -28.61
N SER A 345 -7.69 3.73 -29.34
CA SER A 345 -6.96 3.50 -30.59
C SER A 345 -7.90 3.30 -31.77
N TRP A 346 -7.30 3.12 -32.95
CA TRP A 346 -8.05 2.99 -34.20
C TRP A 346 -7.44 1.95 -35.11
N MET A 347 -8.29 1.32 -35.92
CA MET A 347 -7.84 0.34 -36.90
C MET A 347 -8.68 0.44 -38.16
N LYS A 348 -8.12 -0.02 -39.27
CA LYS A 348 -8.84 -0.04 -40.54
C LYS A 348 -8.76 -1.43 -41.16
N ASP A 349 -9.92 -2.04 -41.37
CA ASP A 349 -10.00 -3.37 -41.97
C ASP A 349 -9.16 -4.37 -41.18
N GLY A 350 -9.11 -4.19 -39.86
CA GLY A 350 -8.41 -5.10 -38.98
C GLY A 350 -6.90 -4.87 -38.95
N LYS A 351 -6.49 -3.66 -39.28
CA LYS A 351 -5.07 -3.29 -39.27
C LYS A 351 -4.82 -2.13 -38.32
N ALA A 352 -3.86 -2.31 -37.42
CA ALA A 352 -3.49 -1.27 -36.47
C ALA A 352 -2.78 -0.14 -37.19
N ILE A 353 -3.30 1.08 -37.04
CA ILE A 353 -2.74 2.24 -37.72
C ILE A 353 -2.90 3.50 -36.89
N GLY A 354 -2.50 4.62 -37.48
CA GLY A 354 -2.79 5.94 -36.93
C GLY A 354 -2.25 6.20 -35.55
N HIS A 355 -3.10 6.78 -34.72
CA HIS A 355 -2.70 7.32 -33.43
C HIS A 355 -3.77 7.01 -32.40
N SER A 356 -3.63 7.55 -31.19
CA SER A 356 -4.66 7.41 -30.18
C SER A 356 -5.36 8.74 -29.93
N GLU A 357 -6.57 8.86 -30.46
CA GLU A 357 -7.44 10.01 -30.19
C GLU A 357 -8.90 9.56 -30.26
N PRO A 358 -9.80 10.27 -29.58
CA PRO A 358 -11.23 9.97 -29.75
C PRO A 358 -11.70 10.23 -31.17
N VAL A 359 -10.93 11.04 -31.90
CA VAL A 359 -11.29 11.43 -33.27
C VAL A 359 -10.10 11.28 -34.21
N LEU A 360 -10.39 10.87 -35.43
CA LEU A 360 -9.41 10.85 -36.50
C LEU A 360 -10.05 11.48 -37.73
N ARG A 361 -9.26 12.22 -38.50
CA ARG A 361 -9.75 12.82 -39.73
C ARG A 361 -8.73 12.66 -40.84
N ILE A 362 -9.25 12.42 -42.04
CA ILE A 362 -8.42 12.34 -43.24
C ILE A 362 -8.55 13.65 -43.99
N GLU A 363 -7.48 14.45 -44.01
CA GLU A 363 -7.52 15.76 -44.61
C GLU A 363 -7.91 15.69 -46.07
N SER A 364 -7.43 14.65 -46.75
CA SER A 364 -7.73 14.44 -48.16
C SER A 364 -8.08 12.98 -48.41
N VAL A 365 -9.31 12.75 -48.87
CA VAL A 365 -9.79 11.40 -49.13
C VAL A 365 -9.20 10.84 -50.41
N LYS A 366 -8.98 9.54 -50.42
CA LYS A 366 -8.41 8.85 -51.56
C LYS A 366 -9.14 7.53 -51.77
N LYS A 367 -9.01 6.95 -52.95
CA LYS A 367 -9.69 5.71 -53.27
C LYS A 367 -9.25 4.58 -52.33
N GLU A 368 -8.04 4.71 -51.81
CA GLU A 368 -7.46 3.70 -50.93
C GLU A 368 -8.03 3.77 -49.51
N ASP A 369 -8.69 4.89 -49.20
CA ASP A 369 -9.24 5.10 -47.86
C ASP A 369 -10.60 4.43 -47.72
N LYS A 370 -11.08 3.83 -48.80
CA LYS A 370 -12.34 3.08 -48.77
C LYS A 370 -12.20 1.86 -47.88
N GLY A 371 -13.11 1.72 -46.92
CA GLY A 371 -13.11 0.56 -46.04
C GLY A 371 -13.70 0.82 -44.68
N MET A 372 -13.63 -0.19 -43.82
CA MET A 372 -14.17 -0.10 -42.47
C MET A 372 -13.18 0.55 -41.51
N TYR A 373 -13.73 1.28 -40.53
CA TYR A 373 -12.94 1.91 -39.48
C TYR A 373 -13.57 1.58 -38.14
N GLN A 374 -12.73 1.24 -37.16
CA GLN A 374 -13.21 0.85 -35.84
C GLN A 374 -12.43 1.52 -34.72
N CYS A 375 -13.13 1.79 -33.62
CA CYS A 375 -12.54 2.46 -32.46
C CYS A 375 -12.30 1.47 -31.33
N PHE A 376 -11.07 1.47 -30.82
CA PHE A 376 -10.67 0.54 -29.76
C PHE A 376 -10.36 1.28 -28.46
N VAL A 377 -11.14 0.98 -27.43
CA VAL A 377 -10.91 1.50 -26.09
C VAL A 377 -10.51 0.36 -25.18
N ARG A 378 -9.59 0.62 -24.26
CA ARG A 378 -9.07 -0.42 -23.38
C ARG A 378 -8.66 0.09 -22.01
N ASN A 379 -8.65 -0.83 -21.05
CA ASN A 379 -8.01 -0.62 -19.77
C ASN A 379 -7.29 -1.90 -19.39
N ASP A 380 -6.71 -1.93 -18.19
CA ASP A 380 -5.93 -3.08 -17.74
C ASP A 380 -6.80 -4.33 -17.55
N GLN A 381 -8.12 -4.13 -17.58
CA GLN A 381 -9.07 -5.22 -17.32
C GLN A 381 -9.87 -5.58 -18.58
N GLU A 382 -10.63 -4.61 -19.08
CA GLU A 382 -11.64 -4.87 -20.10
C GLU A 382 -11.26 -4.23 -21.44
N SER A 383 -12.09 -4.46 -22.46
CA SER A 383 -11.93 -3.82 -23.76
C SER A 383 -13.26 -3.81 -24.50
N ALA A 384 -13.37 -2.98 -25.52
CA ALA A 384 -14.58 -2.91 -26.32
C ALA A 384 -14.30 -2.36 -27.71
N GLU A 385 -15.21 -2.62 -28.64
CA GLU A 385 -15.04 -2.22 -30.03
C GLU A 385 -16.27 -1.49 -30.55
N ALA A 386 -16.07 -0.76 -31.65
CA ALA A 386 -17.16 -0.12 -32.37
C ALA A 386 -16.77 -0.05 -33.83
N SER A 387 -17.75 -0.21 -34.72
CA SER A 387 -17.48 -0.28 -36.16
C SER A 387 -18.13 0.88 -36.90
N ALA A 388 -17.56 1.22 -38.05
CA ALA A 388 -18.12 2.29 -38.88
C ALA A 388 -17.80 2.07 -40.35
N GLU A 389 -18.71 2.51 -41.21
CA GLU A 389 -18.60 2.36 -42.65
C GLU A 389 -18.11 3.65 -43.29
N LEU A 390 -17.29 3.51 -44.33
CA LEU A 390 -16.85 4.66 -45.11
C LEU A 390 -16.95 4.33 -46.61
N LYS A 391 -17.76 5.12 -47.31
CA LYS A 391 -18.00 4.93 -48.73
C LYS A 391 -17.51 6.13 -49.53
N LEU A 392 -17.17 5.91 -50.79
CA LEU A 392 -16.66 6.97 -51.66
C LEU A 392 -17.76 7.56 -52.52
N GLY A 393 -17.72 8.88 -52.67
CA GLY A 393 -18.70 9.59 -53.49
C GLY A 393 -18.13 9.91 -54.87
N ASP B 4 32.30 40.62 30.06
CA ASP B 4 31.91 39.52 29.21
C ASP B 4 30.54 38.99 29.62
N GLN B 5 29.55 39.18 28.75
CA GLN B 5 28.19 38.68 28.99
C GLN B 5 27.53 38.24 27.70
N LYS B 6 26.80 37.13 27.76
CA LYS B 6 26.03 36.66 26.62
C LYS B 6 24.86 35.79 27.09
N GLY B 7 23.91 35.56 26.20
CA GLY B 7 22.75 34.75 26.52
C GLY B 7 23.09 33.28 26.59
N PRO B 8 22.09 32.45 26.90
CA PRO B 8 22.23 31.00 27.05
C PRO B 8 22.32 30.27 25.71
N VAL B 9 22.92 29.07 25.72
CA VAL B 9 22.97 28.24 24.52
C VAL B 9 22.89 26.77 24.93
N PHE B 10 22.15 25.98 24.15
CA PHE B 10 22.00 24.57 24.44
C PHE B 10 23.21 23.78 23.95
N LEU B 11 23.84 23.07 24.88
CA LEU B 11 24.95 22.19 24.57
C LEU B 11 24.43 20.76 24.47
N LYS B 12 23.94 20.25 25.60
CA LYS B 12 23.40 18.90 25.66
C LYS B 12 21.88 18.91 25.57
N GLU B 13 21.35 18.39 24.47
CA GLU B 13 19.92 18.28 24.27
C GLU B 13 19.44 16.84 24.45
N PRO B 14 18.42 16.62 25.30
CA PRO B 14 17.88 15.26 25.45
C PRO B 14 17.40 14.69 24.12
N THR B 15 17.45 13.37 23.99
CA THR B 15 17.05 12.72 22.75
C THR B 15 15.57 12.96 22.48
N ASN B 16 15.25 13.31 21.24
CA ASN B 16 13.89 13.68 20.87
C ASN B 16 12.88 12.58 21.15
N ARG B 17 13.36 11.34 21.23
CA ARG B 17 12.51 10.21 21.54
C ARG B 17 13.21 9.25 22.51
N ILE B 18 12.51 8.95 23.60
CA ILE B 18 13.06 8.10 24.66
C ILE B 18 12.07 7.00 25.03
N ASP B 19 12.56 5.77 25.14
CA ASP B 19 11.73 4.61 25.42
C ASP B 19 12.34 3.77 26.54
N PHE B 20 11.51 3.41 27.52
CA PHE B 20 11.96 2.62 28.65
C PHE B 20 10.79 1.91 29.33
N SER B 21 11.09 0.87 30.11
CA SER B 21 10.05 0.11 30.80
C SER B 21 9.75 0.73 32.16
N ASN B 22 8.80 0.15 32.90
CA ASN B 22 8.47 0.67 34.22
C ASN B 22 9.60 0.40 35.18
N SER B 23 10.25 -0.75 35.01
CA SER B 23 11.31 -1.18 35.91
C SER B 23 12.65 -0.56 35.53
N THR B 24 12.74 -0.05 34.31
CA THR B 24 13.99 0.54 33.83
C THR B 24 14.23 1.91 34.46
N GLY B 25 13.20 2.75 34.42
CA GLY B 25 13.33 4.12 34.88
C GLY B 25 14.05 4.94 33.83
N ALA B 26 14.13 6.26 34.02
CA ALA B 26 14.76 7.13 33.04
C ALA B 26 15.35 8.37 33.68
N GLU B 27 16.36 8.92 33.01
CA GLU B 27 16.97 10.18 33.40
C GLU B 27 17.26 11.00 32.14
N ILE B 28 16.81 12.25 32.14
CA ILE B 28 17.08 13.15 31.02
C ILE B 28 17.69 14.45 31.54
N GLU B 29 18.70 14.94 30.82
CA GLU B 29 19.41 16.14 31.23
C GLU B 29 19.62 17.08 30.05
N CYS B 30 19.07 18.27 30.15
CA CYS B 30 19.35 19.33 29.20
C CYS B 30 20.36 20.26 29.87
N LYS B 31 21.50 20.43 29.22
CA LYS B 31 22.59 21.21 29.78
C LYS B 31 22.93 22.38 28.86
N ALA B 32 22.92 23.58 29.43
CA ALA B 32 23.16 24.80 28.67
C ALA B 32 24.14 25.71 29.40
N SER B 33 24.85 26.52 28.63
CA SER B 33 25.82 27.47 29.17
C SER B 33 25.43 28.89 28.81
N GLY B 34 25.76 29.82 29.69
CA GLY B 34 25.48 31.22 29.47
C GLY B 34 26.04 32.06 30.59
N ASN B 35 26.19 33.35 30.33
CA ASN B 35 26.72 34.29 31.32
C ASN B 35 25.68 35.35 31.71
N PRO B 36 25.18 35.30 32.95
CA PRO B 36 25.44 34.32 34.01
C PRO B 36 24.74 32.99 33.76
N MET B 37 24.91 32.05 34.68
CA MET B 37 24.36 30.70 34.54
C MET B 37 22.83 30.74 34.40
N PRO B 38 22.30 30.22 33.28
CA PRO B 38 20.84 30.22 33.09
C PRO B 38 20.14 29.16 33.93
N GLU B 39 18.86 29.38 34.22
CA GLU B 39 18.07 28.43 35.01
C GLU B 39 17.31 27.49 34.09
N ILE B 40 17.24 26.22 34.47
CA ILE B 40 16.61 25.19 33.65
C ILE B 40 15.21 24.86 34.15
N ILE B 41 14.28 24.72 33.20
CA ILE B 41 12.90 24.36 33.50
C ILE B 41 12.37 23.41 32.42
N TRP B 42 11.43 22.55 32.81
CA TRP B 42 10.79 21.63 31.88
C TRP B 42 9.35 22.04 31.64
N ILE B 43 8.84 21.75 30.45
CA ILE B 43 7.49 22.14 30.08
C ILE B 43 6.78 21.09 29.24
N ARG B 44 5.47 21.00 29.41
CA ARG B 44 4.63 20.15 28.58
C ARG B 44 4.51 20.73 27.18
N SER B 45 4.11 19.91 26.23
CA SER B 45 4.01 20.30 24.83
C SER B 45 3.23 21.61 24.64
N ASP B 46 2.23 21.83 25.48
CA ASP B 46 1.40 23.02 25.38
C ASP B 46 2.08 24.23 26.04
N GLY B 47 3.27 24.00 26.60
CA GLY B 47 4.08 25.08 27.13
C GLY B 47 3.96 25.24 28.64
N THR B 48 2.94 24.63 29.23
CA THR B 48 2.71 24.72 30.66
C THR B 48 3.88 24.16 31.46
N ALA B 49 4.24 24.85 32.54
CA ALA B 49 5.32 24.41 33.41
C ALA B 49 4.95 23.11 34.09
N VAL B 50 5.87 22.16 34.09
CA VAL B 50 5.62 20.85 34.67
C VAL B 50 5.56 20.91 36.18
N GLY B 51 4.65 20.15 36.77
CA GLY B 51 4.60 19.98 38.20
C GLY B 51 5.39 18.75 38.60
N ASP B 52 5.88 18.73 39.85
CA ASP B 52 6.62 17.58 40.34
C ASP B 52 5.63 16.58 40.92
N VAL B 53 5.63 15.37 40.36
CA VAL B 53 4.71 14.32 40.80
C VAL B 53 5.47 13.26 41.61
N PRO B 54 5.04 13.01 42.87
CA PRO B 54 5.77 12.06 43.72
C PRO B 54 5.86 10.65 43.14
N GLY B 55 7.05 10.09 43.08
CA GLY B 55 7.26 8.70 42.71
C GLY B 55 7.23 8.44 41.21
N LEU B 56 6.74 9.42 40.44
CA LEU B 56 6.58 9.27 39.01
C LEU B 56 7.54 10.17 38.24
N ARG B 57 7.36 11.47 38.40
CA ARG B 57 8.14 12.47 37.69
C ARG B 57 8.62 13.55 38.64
N GLN B 58 9.94 13.74 38.71
CA GLN B 58 10.52 14.70 39.64
C GLN B 58 11.76 15.36 39.08
N ILE B 59 11.89 16.65 39.39
CA ILE B 59 13.02 17.46 38.92
C ILE B 59 14.16 17.43 39.94
N SER B 60 15.35 17.13 39.46
CA SER B 60 16.52 16.98 40.33
C SER B 60 17.00 18.33 40.87
N SER B 61 16.66 19.39 40.14
CA SER B 61 17.05 20.77 40.47
C SER B 61 18.50 21.03 40.04
N ASP B 62 19.16 19.98 39.54
CA ASP B 62 20.51 20.09 39.01
C ASP B 62 20.47 20.42 37.52
N GLY B 63 19.25 20.58 36.99
CA GLY B 63 19.05 20.76 35.57
C GLY B 63 18.78 19.42 34.91
N LYS B 64 18.42 18.44 35.72
CA LYS B 64 18.13 17.09 35.23
C LYS B 64 16.76 16.63 35.73
N LEU B 65 16.12 15.78 34.94
CA LEU B 65 14.80 15.25 35.27
C LEU B 65 14.82 13.74 35.18
N VAL B 66 14.00 13.09 36.01
CA VAL B 66 14.00 11.64 36.09
C VAL B 66 12.59 11.05 36.28
N PHE B 67 12.44 9.81 35.80
CA PHE B 67 11.22 9.03 36.02
C PHE B 67 11.61 7.73 36.73
N PRO B 68 11.62 7.74 38.08
CA PRO B 68 11.98 6.52 38.81
C PRO B 68 11.05 5.36 38.47
N PRO B 69 11.52 4.12 38.63
CA PRO B 69 10.65 2.97 38.36
C PRO B 69 9.38 3.00 39.21
N PHE B 70 8.33 2.37 38.72
CA PHE B 70 7.02 2.48 39.35
C PHE B 70 6.17 1.23 39.17
N ARG B 71 5.16 1.09 40.03
CA ARG B 71 4.24 -0.03 39.96
C ARG B 71 3.39 0.07 38.70
N ALA B 72 2.94 -1.08 38.20
CA ALA B 72 2.13 -1.12 36.99
C ALA B 72 0.84 -0.30 37.16
N GLU B 73 0.36 -0.22 38.39
CA GLU B 73 -0.87 0.51 38.70
C GLU B 73 -0.63 2.02 38.87
N ASP B 74 0.62 2.40 39.06
CA ASP B 74 0.97 3.80 39.34
C ASP B 74 1.08 4.61 38.05
N TYR B 75 0.89 3.95 36.91
CA TYR B 75 1.01 4.60 35.61
C TYR B 75 -0.04 5.70 35.45
N ARG B 76 0.42 6.90 35.14
CA ARG B 76 -0.44 8.01 34.75
C ARG B 76 -0.05 8.49 33.37
N GLN B 77 -1.04 8.62 32.49
CA GLN B 77 -0.82 8.99 31.10
C GLN B 77 -0.13 10.34 30.95
N GLU B 78 -0.57 11.32 31.74
CA GLU B 78 -0.10 12.70 31.62
C GLU B 78 1.41 12.80 31.85
N VAL B 79 1.97 11.76 32.47
CA VAL B 79 3.40 11.73 32.78
C VAL B 79 4.15 10.86 31.78
N HIS B 80 3.84 9.57 31.79
CA HIS B 80 4.63 8.57 31.08
C HIS B 80 4.49 8.66 29.57
N ALA B 81 3.31 9.07 29.10
CA ALA B 81 3.15 9.38 27.69
C ALA B 81 2.90 10.88 27.54
N GLN B 82 3.93 11.59 27.12
CA GLN B 82 3.82 13.02 26.89
C GLN B 82 4.99 13.50 26.04
N VAL B 83 4.83 14.70 25.46
CA VAL B 83 5.93 15.37 24.80
C VAL B 83 6.47 16.46 25.73
N TYR B 84 7.76 16.36 26.05
CA TYR B 84 8.41 17.29 26.96
C TYR B 84 9.42 18.16 26.23
N ALA B 85 10.13 18.98 27.00
CA ALA B 85 11.16 19.87 26.47
C ALA B 85 11.85 20.58 27.63
N CYS B 86 13.00 21.17 27.34
CA CYS B 86 13.81 21.81 28.37
C CYS B 86 13.95 23.29 28.06
N LEU B 87 13.79 24.12 29.09
CA LEU B 87 13.80 25.57 28.92
C LEU B 87 14.92 26.22 29.75
N ALA B 88 15.86 26.84 29.05
CA ALA B 88 16.93 27.60 29.70
C ALA B 88 16.63 29.09 29.55
N ARG B 89 16.75 29.85 30.64
CA ARG B 89 16.48 31.28 30.60
C ARG B 89 17.37 32.07 31.56
N ASN B 90 17.59 33.32 31.22
CA ASN B 90 18.33 34.24 32.07
C ASN B 90 17.94 35.68 31.75
N GLN B 91 18.73 36.62 32.29
CA GLN B 91 18.53 38.05 32.06
C GLN B 91 18.28 38.40 30.60
N PHE B 92 19.14 37.91 29.72
CA PHE B 92 19.13 38.32 28.32
C PHE B 92 18.01 37.68 27.51
N GLY B 93 17.65 36.44 27.83
CA GLY B 93 16.58 35.78 27.10
C GLY B 93 16.36 34.33 27.49
N SER B 94 15.68 33.59 26.60
CA SER B 94 15.28 32.22 26.88
C SER B 94 15.19 31.39 25.61
N ILE B 95 15.37 30.07 25.75
CA ILE B 95 15.19 29.14 24.63
C ILE B 95 14.72 27.79 25.15
N ILE B 96 13.90 27.10 24.34
CA ILE B 96 13.40 25.79 24.70
C ILE B 96 14.00 24.70 23.81
N SER B 97 14.28 23.54 24.40
CA SER B 97 14.92 22.45 23.69
C SER B 97 13.96 21.73 22.75
N ARG B 98 14.50 21.05 21.75
CA ARG B 98 13.71 20.30 20.79
C ARG B 98 12.81 19.29 21.48
N ASP B 99 11.63 19.05 20.89
CA ASP B 99 10.60 18.22 21.50
C ASP B 99 11.12 16.83 21.89
N VAL B 100 10.84 16.46 23.14
CA VAL B 100 11.23 15.16 23.67
C VAL B 100 10.00 14.29 23.84
N HIS B 101 9.98 13.15 23.16
CA HIS B 101 8.86 12.22 23.27
C HIS B 101 9.17 11.19 24.35
N VAL B 102 8.44 11.28 25.45
CA VAL B 102 8.61 10.33 26.56
C VAL B 102 7.55 9.26 26.45
N ARG B 103 8.01 8.02 26.28
CA ARG B 103 7.12 6.89 26.14
C ARG B 103 7.59 5.74 27.03
N ALA B 104 6.78 5.41 28.04
CA ALA B 104 7.11 4.34 28.97
C ALA B 104 6.15 3.18 28.78
N VAL B 105 6.71 1.99 28.58
CA VAL B 105 5.92 0.80 28.34
C VAL B 105 6.02 -0.15 29.53
N VAL B 106 4.93 -0.25 30.28
CA VAL B 106 4.82 -1.22 31.35
C VAL B 106 4.98 -2.61 30.76
N ASN B 107 5.90 -3.38 31.33
CA ASN B 107 6.24 -4.70 30.80
C ASN B 107 5.07 -5.66 30.79
N GLN B 108 4.81 -6.26 29.64
CA GLN B 108 3.80 -7.30 29.52
C GLN B 108 4.17 -8.26 28.38
N PHE B 109 3.82 -9.52 28.55
CA PHE B 109 4.13 -10.53 27.53
C PHE B 109 3.24 -10.34 26.30
N TYR B 110 3.79 -10.70 25.15
CA TYR B 110 3.07 -10.62 23.88
C TYR B 110 3.17 -11.99 23.19
N GLY B 111 2.72 -12.06 21.94
CA GLY B 111 2.77 -13.28 21.18
C GLY B 111 3.02 -13.01 19.72
N ALA B 112 3.40 -14.06 18.99
CA ALA B 112 3.76 -13.93 17.58
C ALA B 112 3.23 -15.11 16.78
N ASP B 113 2.76 -14.82 15.57
CA ASP B 113 2.21 -15.85 14.69
C ASP B 113 2.83 -15.73 13.30
N ILE B 114 2.90 -16.85 12.59
CA ILE B 114 3.46 -16.86 11.24
C ILE B 114 2.46 -17.44 10.26
N LEU B 115 2.06 -16.60 9.30
CA LEU B 115 1.13 -17.00 8.27
C LEU B 115 1.87 -17.77 7.19
N MET B 116 1.50 -19.03 6.98
CA MET B 116 2.20 -19.85 6.01
C MET B 116 1.71 -19.50 4.61
N GLU B 117 2.66 -19.33 3.70
CA GLU B 117 2.36 -18.93 2.33
C GLU B 117 2.51 -20.11 1.37
N TYR B 118 1.47 -20.35 0.58
CA TYR B 118 1.53 -21.36 -0.47
C TYR B 118 2.38 -20.83 -1.61
N VAL B 119 3.24 -21.68 -2.16
CA VAL B 119 4.27 -21.24 -3.10
C VAL B 119 4.45 -22.20 -4.27
N ILE B 120 4.77 -21.64 -5.43
CA ILE B 120 5.06 -22.43 -6.63
C ILE B 120 6.50 -22.94 -6.59
N ARG B 121 6.69 -24.15 -7.13
CA ARG B 121 8.02 -24.73 -7.23
C ARG B 121 8.97 -23.82 -8.01
N GLY B 122 10.14 -23.57 -7.44
CA GLY B 122 11.18 -22.81 -8.11
C GLY B 122 11.13 -21.32 -7.84
N ASN B 123 9.97 -20.82 -7.44
CA ASN B 123 9.82 -19.40 -7.12
C ASN B 123 10.31 -19.05 -5.73
N ALA B 124 10.72 -17.81 -5.55
CA ALA B 124 11.21 -17.34 -4.25
C ALA B 124 10.06 -17.28 -3.26
N ALA B 125 10.37 -17.51 -2.00
CA ALA B 125 9.37 -17.50 -0.94
C ALA B 125 9.87 -16.72 0.26
N VAL B 126 8.94 -16.18 1.03
CA VAL B 126 9.28 -15.41 2.22
C VAL B 126 8.28 -15.66 3.33
N LEU B 127 8.80 -15.82 4.54
CA LEU B 127 7.99 -15.98 5.73
C LEU B 127 8.30 -14.86 6.70
N LYS B 128 7.28 -14.07 7.04
CA LYS B 128 7.45 -12.98 7.98
C LYS B 128 6.77 -13.32 9.30
N CYS B 129 7.37 -12.85 10.39
CA CYS B 129 6.81 -13.08 11.71
C CYS B 129 5.86 -11.94 12.05
N SER B 130 4.57 -12.25 12.11
CA SER B 130 3.55 -11.24 12.33
C SER B 130 3.54 -10.83 13.79
N ILE B 131 3.38 -9.53 14.04
CA ILE B 131 3.47 -8.98 15.38
C ILE B 131 2.41 -7.92 15.59
N PRO B 132 1.86 -7.83 16.82
CA PRO B 132 0.90 -6.75 17.10
C PRO B 132 1.48 -5.36 16.82
N SER B 133 0.72 -4.54 16.11
CA SER B 133 1.17 -3.25 15.63
C SER B 133 1.62 -2.29 16.74
N PHE B 134 1.16 -2.53 17.97
CA PHE B 134 1.39 -1.58 19.05
C PHE B 134 2.80 -1.72 19.62
N VAL B 135 3.27 -2.96 19.75
CA VAL B 135 4.60 -3.22 20.29
C VAL B 135 5.64 -3.31 19.18
N ALA B 136 5.20 -3.18 17.93
CA ALA B 136 6.06 -3.35 16.77
C ALA B 136 7.27 -2.40 16.81
N ASP B 137 7.13 -1.29 17.53
CA ASP B 137 8.20 -0.32 17.66
C ASP B 137 9.32 -0.88 18.53
N PHE B 138 8.94 -1.61 19.58
CA PHE B 138 9.87 -2.00 20.63
C PHE B 138 10.51 -3.37 20.45
N VAL B 139 10.06 -4.14 19.45
CA VAL B 139 10.55 -5.50 19.25
C VAL B 139 10.98 -5.75 17.81
N ARG B 140 11.99 -6.60 17.66
CA ARG B 140 12.52 -6.98 16.36
C ARG B 140 12.86 -8.46 16.37
N VAL B 141 12.95 -9.05 15.18
CA VAL B 141 13.22 -10.48 15.08
C VAL B 141 14.72 -10.76 15.14
N GLU B 142 15.12 -11.52 16.16
CA GLU B 142 16.53 -11.80 16.38
C GLU B 142 17.04 -12.90 15.46
N SER B 143 16.18 -13.87 15.16
CA SER B 143 16.61 -15.06 14.43
C SER B 143 15.47 -16.02 14.10
N TRP B 144 15.75 -16.93 13.18
CA TRP B 144 14.81 -17.97 12.78
C TRP B 144 15.43 -19.34 13.07
N ILE B 145 14.62 -20.30 13.49
CA ILE B 145 15.14 -21.62 13.87
C ILE B 145 14.40 -22.75 13.16
N ASP B 146 15.20 -23.61 12.53
CA ASP B 146 14.69 -24.78 11.80
C ASP B 146 14.29 -25.90 12.76
N GLU B 147 13.41 -26.78 12.30
CA GLU B 147 12.98 -27.94 13.06
C GLU B 147 14.17 -28.85 13.38
N GLU B 148 15.23 -28.70 12.59
CA GLU B 148 16.47 -29.44 12.81
C GLU B 148 17.24 -28.89 14.00
N GLY B 149 16.80 -27.73 14.49
CA GLY B 149 17.40 -27.09 15.65
C GLY B 149 18.35 -25.98 15.27
N THR B 150 18.79 -25.98 14.02
CA THR B 150 19.71 -24.96 13.53
C THR B 150 19.01 -23.60 13.47
N GLU B 151 19.74 -22.55 13.84
CA GLU B 151 19.18 -21.20 13.87
C GLU B 151 19.81 -20.32 12.80
N LEU B 152 19.05 -19.34 12.33
CA LEU B 152 19.45 -18.47 11.24
C LEU B 152 19.42 -17.01 11.68
N ARG B 153 20.40 -16.24 11.21
CA ARG B 153 20.51 -14.83 11.59
C ARG B 153 20.85 -13.96 10.39
N PRO B 154 20.53 -12.66 10.47
CA PRO B 154 20.82 -11.75 9.36
C PRO B 154 22.32 -11.58 9.16
N SER B 155 22.72 -11.25 7.93
CA SER B 155 24.14 -11.17 7.59
C SER B 155 24.33 -10.77 6.13
N GLU B 156 25.58 -10.62 5.75
CA GLU B 156 25.97 -10.43 4.36
C GLU B 156 25.90 -11.81 3.70
N ASN B 157 26.45 -11.93 2.49
CA ASN B 157 26.47 -13.22 1.81
C ASN B 157 25.07 -13.76 1.55
N TYR B 158 24.40 -13.18 0.55
CA TYR B 158 22.99 -13.46 0.28
C TYR B 158 22.81 -14.82 -0.39
N ASP B 159 23.92 -15.52 -0.60
CA ASP B 159 23.89 -16.87 -1.15
C ASP B 159 23.33 -17.86 -0.13
N GLY B 160 23.30 -19.14 -0.52
CA GLY B 160 22.88 -20.20 0.39
C GLY B 160 21.38 -20.44 0.36
N LYS B 161 20.65 -19.53 -0.27
CA LYS B 161 19.19 -19.61 -0.42
C LYS B 161 18.46 -19.27 0.88
N TYR B 162 19.18 -19.26 1.99
CA TYR B 162 18.60 -18.92 3.30
C TYR B 162 19.22 -17.63 3.82
N LEU B 163 18.40 -16.58 3.88
CA LEU B 163 18.86 -15.30 4.38
C LEU B 163 17.78 -14.60 5.18
N VAL B 164 18.18 -14.06 6.33
CA VAL B 164 17.28 -13.23 7.13
C VAL B 164 17.52 -11.78 6.75
N LEU B 165 16.51 -11.15 6.17
CA LEU B 165 16.63 -9.77 5.70
C LEU B 165 16.57 -8.81 6.89
N PRO B 166 17.03 -7.57 6.69
CA PRO B 166 17.00 -6.52 7.72
C PRO B 166 15.61 -6.35 8.34
N SER B 167 14.57 -6.59 7.56
CA SER B 167 13.21 -6.49 8.04
C SER B 167 12.90 -7.60 9.05
N GLY B 168 13.74 -8.62 9.06
CA GLY B 168 13.55 -9.77 9.93
C GLY B 168 12.79 -10.87 9.22
N GLU B 169 12.40 -10.59 7.98
CA GLU B 169 11.67 -11.54 7.16
C GLU B 169 12.60 -12.59 6.59
N LEU B 170 12.26 -13.86 6.80
CA LEU B 170 13.07 -14.96 6.33
C LEU B 170 12.81 -15.23 4.85
N HIS B 171 13.87 -15.16 4.05
CA HIS B 171 13.75 -15.28 2.60
C HIS B 171 14.30 -16.60 2.09
N ILE B 172 13.56 -17.24 1.19
CA ILE B 172 13.99 -18.50 0.57
C ILE B 172 13.86 -18.42 -0.95
N ARG B 173 15.00 -18.40 -1.63
CA ARG B 173 15.05 -18.41 -3.10
C ARG B 173 15.03 -19.83 -3.65
N GLU B 174 14.43 -20.00 -4.83
CA GLU B 174 14.51 -21.25 -5.57
C GLU B 174 13.97 -22.43 -4.76
N VAL B 175 12.74 -22.30 -4.28
CA VAL B 175 12.15 -23.32 -3.43
C VAL B 175 11.91 -24.61 -4.20
N GLY B 176 11.80 -25.71 -3.47
CA GLY B 176 11.47 -26.99 -4.06
C GLY B 176 10.89 -27.90 -2.99
N PRO B 177 10.32 -29.03 -3.40
CA PRO B 177 9.65 -29.97 -2.49
C PRO B 177 10.52 -30.39 -1.32
N GLU B 178 11.83 -30.25 -1.49
CA GLU B 178 12.80 -30.58 -0.45
C GLU B 178 12.59 -29.68 0.78
N ASP B 179 12.00 -28.52 0.56
CA ASP B 179 11.83 -27.52 1.63
C ASP B 179 10.49 -27.64 2.36
N GLY B 180 9.71 -28.65 2.00
CA GLY B 180 8.39 -28.83 2.58
C GLY B 180 8.44 -29.43 3.97
N TYR B 181 9.47 -30.25 4.23
CA TYR B 181 9.61 -30.94 5.51
C TYR B 181 9.84 -29.97 6.67
N LYS B 182 10.84 -29.12 6.52
CA LYS B 182 11.28 -28.26 7.62
C LYS B 182 10.29 -27.14 7.92
N SER B 183 10.29 -26.71 9.18
CA SER B 183 9.41 -25.63 9.65
C SER B 183 10.21 -24.66 10.50
N TYR B 184 9.98 -23.37 10.29
CA TYR B 184 10.76 -22.32 10.93
C TYR B 184 9.92 -21.50 11.89
N GLN B 185 10.54 -21.07 12.99
CA GLN B 185 9.91 -20.15 13.93
C GLN B 185 10.88 -19.02 14.26
N CYS B 186 10.34 -17.84 14.53
CA CYS B 186 11.15 -16.64 14.67
C CYS B 186 11.38 -16.24 16.13
N ARG B 187 12.59 -15.77 16.41
CA ARG B 187 12.95 -15.27 17.74
C ARG B 187 12.80 -13.75 17.79
N THR B 188 12.16 -13.26 18.84
CA THR B 188 11.90 -11.84 19.01
C THR B 188 12.63 -11.29 20.24
N LYS B 189 13.22 -10.11 20.09
CA LYS B 189 13.94 -9.47 21.19
C LYS B 189 13.36 -8.09 21.46
N HIS B 190 12.83 -7.90 22.67
CA HIS B 190 12.28 -6.61 23.07
C HIS B 190 13.43 -5.68 23.48
N ARG B 191 13.47 -4.50 22.87
CA ARG B 191 14.55 -3.55 23.08
C ARG B 191 14.69 -3.11 24.54
N LEU B 192 13.57 -2.72 25.13
CA LEU B 192 13.56 -2.16 26.47
C LEU B 192 13.91 -3.19 27.53
N THR B 193 13.30 -4.37 27.41
CA THR B 193 13.52 -5.44 28.38
C THR B 193 14.86 -6.15 28.11
N GLY B 194 15.13 -6.41 26.84
CA GLY B 194 16.28 -7.20 26.45
C GLY B 194 15.95 -8.69 26.47
N GLU B 195 14.79 -9.02 27.01
CA GLU B 195 14.33 -10.40 27.05
C GLU B 195 13.96 -10.88 25.66
N THR B 196 14.09 -12.17 25.42
CA THR B 196 13.81 -12.77 24.12
C THR B 196 12.69 -13.80 24.21
N ARG B 197 11.87 -13.86 23.18
CA ARG B 197 10.81 -14.86 23.08
C ARG B 197 10.78 -15.47 21.69
N LEU B 198 10.60 -16.78 21.65
CA LEU B 198 10.55 -17.53 20.40
C LEU B 198 9.10 -17.69 19.97
N SER B 199 8.86 -17.63 18.66
CA SER B 199 7.52 -17.75 18.10
C SER B 199 6.82 -19.01 18.59
N ALA B 200 5.55 -18.86 18.94
CA ALA B 200 4.73 -19.98 19.40
C ALA B 200 4.38 -20.85 18.21
N THR B 201 3.60 -20.28 17.29
CA THR B 201 3.21 -20.98 16.07
C THR B 201 4.44 -21.26 15.20
N LYS B 202 4.55 -22.48 14.70
CA LYS B 202 5.66 -22.86 13.85
C LYS B 202 5.32 -22.67 12.39
N GLY B 203 5.99 -21.71 11.75
CA GLY B 203 5.76 -21.43 10.35
C GLY B 203 6.29 -22.54 9.46
N ARG B 204 5.43 -23.05 8.59
CA ARG B 204 5.82 -24.06 7.61
C ARG B 204 5.59 -23.50 6.21
N LEU B 205 6.30 -24.06 5.23
CA LEU B 205 6.18 -23.63 3.85
C LEU B 205 5.58 -24.73 2.99
N VAL B 206 4.37 -24.50 2.50
CA VAL B 206 3.69 -25.47 1.65
C VAL B 206 3.91 -25.14 0.18
N ILE B 207 4.48 -26.09 -0.55
CA ILE B 207 4.74 -25.93 -1.97
C ILE B 207 3.70 -26.66 -2.79
N THR B 208 3.28 -26.04 -3.89
CA THR B 208 2.33 -26.65 -4.81
C THR B 208 2.94 -26.77 -6.20
N GLU B 209 2.84 -27.96 -6.78
CA GLU B 209 3.33 -28.19 -8.14
C GLU B 209 2.33 -27.60 -9.14
N PRO B 210 2.74 -26.57 -9.89
CA PRO B 210 1.81 -25.91 -10.81
C PRO B 210 1.35 -26.81 -11.95
N VAL B 211 0.09 -26.65 -12.35
CA VAL B 211 -0.46 -27.41 -13.46
C VAL B 211 -1.01 -26.42 -14.50
N GLY B 212 -0.40 -26.43 -15.68
CA GLY B 212 -0.74 -25.46 -16.71
C GLY B 212 -0.07 -24.14 -16.41
N SER B 213 0.01 -23.27 -17.42
CA SER B 213 0.67 -21.99 -17.26
C SER B 213 -0.30 -20.95 -16.70
N LYS B 214 0.21 -20.11 -15.80
CA LYS B 214 -0.61 -19.08 -15.18
C LYS B 214 0.17 -17.78 -15.03
N ALA B 215 -0.45 -16.68 -15.42
CA ALA B 215 0.20 -15.37 -15.45
C ALA B 215 0.61 -14.94 -14.03
N PRO B 216 1.55 -13.98 -13.94
CA PRO B 216 2.02 -13.58 -12.61
C PRO B 216 1.00 -12.81 -11.78
N THR B 217 1.06 -13.02 -10.47
CA THR B 217 0.06 -12.50 -9.56
C THR B 217 0.70 -12.00 -8.26
N PHE B 218 0.24 -10.84 -7.80
CA PHE B 218 0.70 -10.26 -6.54
C PHE B 218 -0.26 -10.60 -5.41
N ALA B 219 0.30 -10.76 -4.20
CA ALA B 219 -0.44 -11.29 -3.07
C ALA B 219 -1.33 -10.24 -2.40
N THR B 220 -1.31 -9.03 -2.94
CA THR B 220 -2.10 -7.92 -2.41
C THR B 220 -3.20 -7.51 -3.40
N ALA B 221 -2.77 -7.16 -4.62
CA ALA B 221 -3.61 -6.58 -5.68
C ALA B 221 -3.70 -5.07 -5.55
N SER B 222 -3.11 -4.53 -4.48
CA SER B 222 -2.90 -3.09 -4.39
C SER B 222 -1.62 -2.74 -5.15
N LYS B 223 -1.71 -1.76 -6.04
CA LYS B 223 -0.60 -1.41 -6.91
C LYS B 223 0.39 -0.45 -6.25
N ILE B 224 0.09 -0.03 -5.01
CA ILE B 224 0.90 0.97 -4.33
C ILE B 224 1.24 0.56 -2.90
N SER B 225 2.45 0.94 -2.47
CA SER B 225 2.86 0.81 -1.07
C SER B 225 3.85 1.91 -0.74
N SER B 226 3.89 2.31 0.53
CA SER B 226 4.81 3.34 1.00
C SER B 226 5.82 2.75 1.97
N LEU B 227 7.06 2.67 1.53
CA LEU B 227 8.16 2.21 2.36
C LEU B 227 8.77 3.40 3.08
N LEU B 228 9.81 3.14 3.86
CA LEU B 228 10.54 4.19 4.57
C LEU B 228 11.70 3.54 5.29
N GLY B 229 12.71 4.32 5.64
CA GLY B 229 13.86 3.79 6.32
C GLY B 229 14.90 4.84 6.66
N SER B 230 15.74 4.51 7.63
CA SER B 230 16.82 5.39 8.06
C SER B 230 18.02 5.27 7.13
N SER B 231 18.74 6.37 6.96
CA SER B 231 19.96 6.37 6.16
C SER B 231 21.05 5.54 6.84
N SER B 232 22.02 5.09 6.06
CA SER B 232 23.14 4.31 6.59
C SER B 232 22.67 3.00 7.22
N SER B 233 21.65 2.40 6.61
CA SER B 233 21.12 1.13 7.10
C SER B 233 20.68 0.25 5.94
N ASP B 234 20.65 -1.06 6.17
CA ASP B 234 20.19 -2.00 5.16
C ASP B 234 18.69 -1.81 4.94
N ILE B 235 18.30 -1.60 3.68
CA ILE B 235 16.90 -1.37 3.33
C ILE B 235 16.40 -2.49 2.44
N VAL B 236 15.10 -2.75 2.49
CA VAL B 236 14.48 -3.83 1.74
C VAL B 236 13.26 -3.37 0.96
N LEU B 237 13.34 -3.51 -0.36
CA LEU B 237 12.18 -3.32 -1.22
C LEU B 237 11.72 -4.70 -1.68
N LEU B 238 10.61 -5.16 -1.14
CA LEU B 238 10.18 -6.54 -1.37
C LEU B 238 9.12 -6.62 -2.45
N CYS B 239 9.20 -7.68 -3.23
CA CYS B 239 8.19 -7.99 -4.23
C CYS B 239 7.73 -9.42 -4.01
N GLN B 240 6.48 -9.58 -3.59
CA GLN B 240 5.92 -10.91 -3.42
C GLN B 240 4.99 -11.21 -4.59
N ALA B 241 5.48 -12.05 -5.49
CA ALA B 241 4.68 -12.52 -6.61
C ALA B 241 4.98 -13.98 -6.88
N GLN B 242 3.95 -14.82 -6.81
CA GLN B 242 4.06 -16.21 -7.18
C GLN B 242 3.45 -16.38 -8.55
N ALA B 243 4.12 -17.15 -9.40
CA ALA B 243 3.73 -17.22 -10.80
C ALA B 243 4.37 -18.39 -11.51
N PHE B 244 4.00 -18.55 -12.78
CA PHE B 244 4.52 -19.65 -13.59
C PHE B 244 4.62 -19.26 -15.07
N PRO B 245 5.61 -19.81 -15.78
CA PRO B 245 6.83 -20.44 -15.22
C PRO B 245 7.82 -19.41 -14.67
N VAL B 246 8.22 -19.56 -13.41
CA VAL B 246 9.46 -18.98 -12.87
C VAL B 246 9.82 -17.57 -13.41
N PRO B 247 9.07 -16.54 -12.98
CA PRO B 247 9.29 -15.16 -13.45
C PRO B 247 10.72 -14.65 -13.27
N TYR B 248 11.11 -13.72 -14.14
CA TYR B 248 12.29 -12.90 -13.93
C TYR B 248 11.80 -11.51 -13.57
N THR B 249 12.48 -10.87 -12.61
CA THR B 249 12.02 -9.60 -12.06
C THR B 249 12.96 -8.46 -12.44
N ARG B 250 12.39 -7.28 -12.63
CA ARG B 250 13.17 -6.09 -12.95
C ARG B 250 12.62 -4.88 -12.20
N TRP B 251 13.52 -4.18 -11.52
CA TRP B 251 13.15 -3.00 -10.76
C TRP B 251 13.62 -1.73 -11.45
N TYR B 252 12.77 -0.71 -11.47
CA TYR B 252 13.08 0.57 -12.09
C TYR B 252 12.85 1.71 -11.10
N LYS B 253 13.51 2.84 -11.34
CA LYS B 253 13.33 4.03 -10.53
C LYS B 253 12.82 5.18 -11.37
N PHE B 254 11.70 5.77 -10.96
CA PHE B 254 11.14 6.93 -11.64
C PHE B 254 12.04 8.15 -11.45
N ILE B 255 12.15 8.97 -12.50
CA ILE B 255 12.79 10.27 -12.38
C ILE B 255 11.78 11.19 -11.70
N GLU B 256 12.26 12.24 -11.03
CA GLU B 256 11.39 13.07 -10.20
C GLU B 256 10.22 13.66 -10.99
N GLY B 257 9.01 13.36 -10.53
CA GLY B 257 7.79 13.88 -11.14
C GLY B 257 7.61 13.52 -12.60
N THR B 258 8.28 12.46 -13.06
CA THR B 258 8.19 12.02 -14.45
C THR B 258 7.38 10.74 -14.57
N THR B 259 6.69 10.59 -15.70
CA THR B 259 6.02 9.33 -16.03
C THR B 259 7.06 8.29 -16.40
N ARG B 260 8.23 8.76 -16.84
CA ARG B 260 9.29 7.87 -17.29
C ARG B 260 10.11 7.33 -16.12
N LYS B 261 11.06 6.47 -16.44
CA LYS B 261 11.85 5.78 -15.43
C LYS B 261 13.15 5.26 -16.03
N GLN B 262 14.11 4.95 -15.15
CA GLN B 262 15.34 4.29 -15.58
C GLN B 262 15.62 3.09 -14.68
N ALA B 263 16.22 2.06 -15.26
CA ALA B 263 16.46 0.83 -14.54
C ALA B 263 17.45 1.03 -13.40
N VAL B 264 17.30 0.22 -12.35
CA VAL B 264 18.18 0.29 -11.19
C VAL B 264 19.52 -0.33 -11.54
N VAL B 265 20.57 0.19 -10.91
CA VAL B 265 21.92 -0.32 -11.13
C VAL B 265 22.27 -1.35 -10.06
N LEU B 266 22.43 -2.60 -10.49
CA LEU B 266 22.80 -3.68 -9.60
C LEU B 266 24.31 -3.75 -9.46
N ASN B 267 24.80 -3.62 -8.24
CA ASN B 267 26.25 -3.53 -7.98
C ASN B 267 26.62 -4.03 -6.58
N ASP B 268 27.85 -3.77 -6.16
CA ASP B 268 28.34 -4.17 -4.85
C ASP B 268 27.39 -3.76 -3.72
N ARG B 269 26.91 -2.52 -3.76
CA ARG B 269 26.01 -2.00 -2.74
C ARG B 269 24.58 -2.46 -2.98
N VAL B 270 24.00 -2.00 -4.09
CA VAL B 270 22.62 -2.32 -4.41
C VAL B 270 22.55 -3.73 -4.99
N LYS B 271 21.83 -4.60 -4.29
CA LYS B 271 21.71 -6.00 -4.69
C LYS B 271 20.25 -6.39 -4.85
N GLN B 272 20.02 -7.40 -5.68
CA GLN B 272 18.69 -7.93 -5.90
C GLN B 272 18.67 -9.42 -5.55
N VAL B 273 17.79 -9.82 -4.63
CA VAL B 273 17.66 -11.25 -4.34
C VAL B 273 16.38 -11.80 -4.97
N SER B 274 16.55 -12.31 -6.18
CA SER B 274 15.58 -13.11 -6.93
C SER B 274 14.21 -12.46 -7.18
N GLY B 275 13.70 -11.71 -6.20
CA GLY B 275 12.63 -10.75 -6.43
C GLY B 275 12.92 -9.35 -5.92
N THR B 276 14.00 -9.19 -5.18
CA THR B 276 14.04 -8.22 -4.09
C THR B 276 15.28 -7.35 -4.01
N LEU B 277 15.09 -6.03 -4.13
CA LEU B 277 16.18 -5.07 -4.01
C LEU B 277 16.65 -4.92 -2.57
N ILE B 278 17.93 -4.62 -2.40
CA ILE B 278 18.48 -4.29 -1.09
C ILE B 278 19.53 -3.18 -1.22
N ILE B 279 19.40 -2.18 -0.35
CA ILE B 279 20.37 -1.08 -0.29
C ILE B 279 21.20 -1.24 0.98
N LYS B 280 22.50 -1.48 0.81
CA LYS B 280 23.38 -1.73 1.95
C LYS B 280 23.42 -0.55 2.92
N ASP B 281 23.85 0.61 2.42
CA ASP B 281 23.82 1.83 3.21
C ASP B 281 23.10 2.92 2.41
N ALA B 282 21.94 3.33 2.92
CA ALA B 282 21.05 4.24 2.21
C ALA B 282 21.47 5.69 2.37
N VAL B 283 21.23 6.47 1.32
CA VAL B 283 21.40 7.91 1.37
C VAL B 283 20.12 8.56 0.84
N VAL B 284 19.93 9.83 1.16
CA VAL B 284 18.70 10.55 0.84
C VAL B 284 18.42 10.58 -0.67
N GLU B 285 19.46 10.36 -1.47
CA GLU B 285 19.32 10.44 -2.92
C GLU B 285 18.53 9.26 -3.48
N ASP B 286 18.52 8.15 -2.74
CA ASP B 286 17.83 6.94 -3.17
C ASP B 286 16.32 7.06 -3.06
N SER B 287 15.86 8.09 -2.35
CA SER B 287 14.43 8.31 -2.15
C SER B 287 13.72 8.60 -3.46
N GLY B 288 12.53 8.03 -3.62
CA GLY B 288 11.73 8.28 -4.81
C GLY B 288 10.73 7.15 -5.08
N LYS B 289 10.01 7.28 -6.19
CA LYS B 289 9.05 6.26 -6.59
C LYS B 289 9.78 5.09 -7.24
N TYR B 290 9.46 3.88 -6.79
CA TYR B 290 10.08 2.66 -7.32
C TYR B 290 9.02 1.76 -7.94
N LEU B 291 9.46 0.90 -8.85
CA LEU B 291 8.55 0.02 -9.58
C LEU B 291 9.14 -1.37 -9.71
N CYS B 292 8.37 -2.37 -9.30
CA CYS B 292 8.75 -3.77 -9.47
C CYS B 292 8.03 -4.34 -10.68
N VAL B 293 8.80 -4.67 -11.72
CA VAL B 293 8.25 -5.27 -12.93
C VAL B 293 8.58 -6.75 -12.98
N VAL B 294 7.54 -7.58 -12.87
CA VAL B 294 7.70 -9.02 -12.87
C VAL B 294 7.05 -9.60 -14.12
N ASN B 295 7.87 -10.13 -15.01
CA ASN B 295 7.39 -10.69 -16.27
C ASN B 295 7.40 -12.20 -16.27
N ASN B 296 6.92 -12.77 -17.37
CA ASN B 296 6.67 -14.20 -17.45
C ASN B 296 6.24 -14.58 -18.87
N SER B 297 6.31 -15.87 -19.18
CA SER B 297 5.99 -16.36 -20.51
C SER B 297 4.56 -15.99 -20.92
N VAL B 298 3.63 -16.14 -20.00
CA VAL B 298 2.23 -15.86 -20.24
C VAL B 298 1.94 -14.35 -20.18
N GLY B 299 2.60 -13.65 -19.27
CA GLY B 299 2.33 -12.23 -19.08
C GLY B 299 3.20 -11.57 -18.04
N GLY B 300 2.74 -10.43 -17.53
CA GLY B 300 3.49 -9.65 -16.57
C GLY B 300 2.60 -8.83 -15.66
N GLU B 301 3.19 -8.31 -14.58
CA GLU B 301 2.45 -7.52 -13.61
C GLU B 301 3.40 -6.51 -12.95
N SER B 302 2.84 -5.45 -12.37
CA SER B 302 3.66 -4.35 -11.84
C SER B 302 3.15 -3.80 -10.51
N VAL B 303 4.07 -3.30 -9.70
CA VAL B 303 3.76 -2.72 -8.40
C VAL B 303 4.63 -1.50 -8.11
N GLU B 304 4.00 -0.41 -7.69
CA GLU B 304 4.72 0.80 -7.30
C GLU B 304 5.08 0.78 -5.82
N THR B 305 6.25 1.30 -5.49
CA THR B 305 6.68 1.41 -4.10
C THR B 305 7.32 2.77 -3.84
N VAL B 306 6.75 3.51 -2.90
CA VAL B 306 7.27 4.82 -2.53
C VAL B 306 8.30 4.69 -1.41
N LEU B 307 9.48 5.23 -1.64
CA LEU B 307 10.60 5.10 -0.70
C LEU B 307 11.04 6.46 -0.20
N THR B 308 11.11 6.59 1.12
CA THR B 308 11.62 7.79 1.77
C THR B 308 12.81 7.43 2.65
N VAL B 309 13.98 7.94 2.30
CA VAL B 309 15.19 7.70 3.08
C VAL B 309 15.35 8.81 4.12
N THR B 310 15.33 8.41 5.38
CA THR B 310 15.39 9.34 6.50
C THR B 310 16.83 9.75 6.80
N ALA B 311 17.02 11.00 7.20
CA ALA B 311 18.31 11.49 7.67
C ALA B 311 18.09 12.36 8.91
N PRO B 312 19.01 12.28 9.90
CA PRO B 312 18.85 13.06 11.13
C PRO B 312 18.78 14.56 10.89
N LEU B 313 17.95 15.25 11.68
CA LEU B 313 17.76 16.68 11.53
C LEU B 313 18.68 17.45 12.45
N SER B 314 19.35 18.47 11.90
CA SER B 314 20.18 19.37 12.67
C SER B 314 20.07 20.77 12.08
N ALA B 315 20.02 21.78 12.96
CA ALA B 315 19.82 23.16 12.54
C ALA B 315 20.98 24.05 12.97
N LYS B 316 21.23 25.09 12.18
CA LYS B 316 22.23 26.09 12.51
C LYS B 316 21.74 27.48 12.14
N ILE B 317 21.75 28.40 13.09
CA ILE B 317 21.43 29.79 12.83
C ILE B 317 22.70 30.55 12.49
N ASP B 318 22.61 31.45 11.51
CA ASP B 318 23.72 32.35 11.20
C ASP B 318 23.23 33.79 11.10
N PRO B 319 23.98 34.75 11.66
CA PRO B 319 25.10 34.54 12.59
C PRO B 319 24.61 34.10 13.97
N PRO B 320 25.42 33.33 14.73
CA PRO B 320 25.03 32.95 16.10
C PRO B 320 24.79 34.16 17.00
N THR B 321 25.40 35.28 16.67
CA THR B 321 25.18 36.52 17.42
C THR B 321 25.54 37.73 16.56
N GLN B 322 24.99 38.88 16.93
CA GLN B 322 25.33 40.13 16.25
C GLN B 322 24.84 41.34 17.04
N THR B 323 25.16 42.52 16.53
CA THR B 323 24.67 43.78 17.10
C THR B 323 24.30 44.73 15.97
N VAL B 324 23.05 45.20 15.98
CA VAL B 324 22.56 46.11 14.96
C VAL B 324 22.01 47.39 15.58
N ASP B 325 22.37 48.51 14.96
CA ASP B 325 21.95 49.82 15.45
C ASP B 325 20.46 50.04 15.20
N PHE B 326 19.87 50.96 15.96
CA PHE B 326 18.46 51.28 15.83
C PHE B 326 18.15 51.79 14.42
N GLY B 327 17.07 51.28 13.84
CA GLY B 327 16.62 51.75 12.54
C GLY B 327 17.26 51.04 11.37
N ARG B 328 17.83 49.86 11.63
CA ARG B 328 18.50 49.08 10.59
C ARG B 328 17.83 47.72 10.43
N PRO B 329 18.03 47.06 9.27
CA PRO B 329 17.52 45.70 9.13
C PRO B 329 18.31 44.69 9.96
N ALA B 330 17.61 43.80 10.66
CA ALA B 330 18.25 42.68 11.35
C ALA B 330 18.14 41.45 10.45
N VAL B 331 19.16 40.60 10.46
CA VAL B 331 19.18 39.42 9.60
C VAL B 331 19.58 38.16 10.35
N PHE B 332 18.85 37.08 10.05
CA PHE B 332 19.16 35.76 10.59
C PHE B 332 18.89 34.71 9.53
N THR B 333 19.84 33.78 9.38
CA THR B 333 19.73 32.73 8.36
C THR B 333 19.80 31.35 9.01
N CYS B 334 18.73 30.57 8.82
CA CYS B 334 18.67 29.21 9.35
C CYS B 334 19.12 28.21 8.29
N GLN B 335 20.17 27.46 8.61
CA GLN B 335 20.69 26.42 7.73
C GLN B 335 20.52 25.06 8.39
N TYR B 336 19.84 24.15 7.71
CA TYR B 336 19.50 22.86 8.28
C TYR B 336 20.00 21.69 7.43
N THR B 337 20.04 20.52 8.06
CA THR B 337 20.43 19.29 7.41
C THR B 337 19.39 18.22 7.75
N GLY B 338 19.30 17.20 6.91
CA GLY B 338 18.42 16.08 7.17
C GLY B 338 17.18 16.07 6.30
N ASN B 339 16.58 14.89 6.15
CA ASN B 339 15.44 14.69 5.28
C ASN B 339 14.48 13.66 5.86
N PRO B 340 13.15 13.83 5.65
CA PRO B 340 12.51 14.98 5.00
C PRO B 340 12.36 16.14 5.96
N ILE B 341 11.80 17.23 5.45
CA ILE B 341 11.51 18.41 6.27
C ILE B 341 10.14 18.94 5.89
N LYS B 342 9.27 19.04 6.89
CA LYS B 342 7.91 19.53 6.69
C LYS B 342 7.76 20.90 7.31
N THR B 343 7.81 20.95 8.63
CA THR B 343 7.61 22.20 9.35
C THR B 343 8.88 23.01 9.43
N VAL B 344 8.75 24.32 9.23
CA VAL B 344 9.83 25.25 9.47
C VAL B 344 9.22 26.48 10.13
N SER B 345 9.78 26.90 11.25
CA SER B 345 9.23 28.04 11.97
C SER B 345 10.29 28.73 12.83
N TRP B 346 9.86 29.79 13.51
CA TRP B 346 10.74 30.60 14.33
C TRP B 346 10.06 30.91 15.65
N MET B 347 10.85 31.40 16.61
CA MET B 347 10.30 31.97 17.82
C MET B 347 11.34 32.85 18.51
N LYS B 348 10.87 33.75 19.38
CA LYS B 348 11.76 34.67 20.08
C LYS B 348 11.50 34.58 21.58
N ASP B 349 12.49 34.07 22.31
CA ASP B 349 12.32 33.82 23.74
C ASP B 349 11.05 33.01 23.97
N GLY B 350 10.81 32.04 23.10
CA GLY B 350 9.53 31.37 23.04
C GLY B 350 8.58 32.23 22.23
N LYS B 351 7.32 32.26 22.65
CA LYS B 351 6.32 33.16 22.08
C LYS B 351 5.77 32.68 20.72
N ALA B 352 6.46 31.73 20.09
CA ALA B 352 5.97 31.12 18.86
C ALA B 352 5.63 32.15 17.78
N ILE B 353 6.58 33.02 17.48
CA ILE B 353 6.37 34.12 16.54
C ILE B 353 6.71 33.65 15.11
N GLY B 354 6.47 34.52 14.14
CA GLY B 354 7.04 34.34 12.82
C GLY B 354 6.17 33.58 11.83
N HIS B 355 6.84 33.02 10.82
CA HIS B 355 6.19 32.33 9.71
C HIS B 355 7.10 31.18 9.32
N SER B 356 6.81 30.52 8.19
CA SER B 356 7.71 29.47 7.72
C SER B 356 8.57 30.01 6.58
N GLU B 357 9.82 30.34 6.93
CA GLU B 357 10.84 30.70 5.97
C GLU B 357 12.19 30.31 6.56
N PRO B 358 13.18 30.00 5.71
CA PRO B 358 14.52 29.70 6.23
C PRO B 358 15.21 30.95 6.80
N VAL B 359 14.69 32.12 6.46
CA VAL B 359 15.33 33.39 6.84
C VAL B 359 14.42 34.25 7.69
N LEU B 360 15.02 34.98 8.63
CA LEU B 360 14.30 35.91 9.50
C LEU B 360 14.84 37.32 9.32
N ARG B 361 13.95 38.29 9.25
CA ARG B 361 14.36 39.69 9.07
C ARG B 361 13.47 40.66 9.84
N ILE B 362 14.12 41.62 10.52
CA ILE B 362 13.43 42.72 11.18
C ILE B 362 13.77 43.99 10.43
N GLU B 363 12.78 44.59 9.76
CA GLU B 363 13.00 45.75 8.90
C GLU B 363 13.72 46.89 9.63
N SER B 364 13.36 47.07 10.90
CA SER B 364 13.94 48.14 11.72
C SER B 364 14.22 47.65 13.14
N VAL B 365 15.45 47.86 13.61
CA VAL B 365 15.83 47.47 14.96
C VAL B 365 15.00 48.24 15.98
N LYS B 366 14.68 47.59 17.08
CA LYS B 366 13.96 48.20 18.18
C LYS B 366 14.44 47.61 19.50
N LYS B 367 14.29 48.39 20.57
CA LYS B 367 14.75 47.99 21.90
C LYS B 367 14.13 46.66 22.34
N GLU B 368 12.90 46.41 21.90
CA GLU B 368 12.14 45.25 22.35
C GLU B 368 12.57 43.96 21.64
N ASP B 369 13.44 44.10 20.64
CA ASP B 369 13.83 42.96 19.81
C ASP B 369 15.08 42.25 20.33
N LYS B 370 15.65 42.74 21.43
CA LYS B 370 16.82 42.09 22.02
C LYS B 370 16.43 40.77 22.66
N GLY B 371 17.41 39.91 22.87
CA GLY B 371 17.18 38.61 23.46
C GLY B 371 17.32 37.48 22.46
N MET B 372 17.04 36.26 22.91
CA MET B 372 17.33 35.06 22.13
C MET B 372 16.32 34.81 21.01
N TYR B 373 16.82 34.22 19.93
CA TYR B 373 15.99 33.79 18.80
C TYR B 373 16.31 32.33 18.50
N GLN B 374 15.32 31.59 18.02
CA GLN B 374 15.47 30.16 17.82
C GLN B 374 14.78 29.67 16.54
N CYS B 375 15.49 28.84 15.80
CA CYS B 375 14.98 28.28 14.55
C CYS B 375 14.49 26.86 14.80
N PHE B 376 13.31 26.53 14.26
CA PHE B 376 12.72 25.21 14.45
C PHE B 376 12.37 24.54 13.13
N VAL B 377 13.02 23.40 12.90
CA VAL B 377 12.71 22.54 11.77
C VAL B 377 12.46 21.14 12.31
N ARG B 378 11.54 20.42 11.67
CA ARG B 378 11.21 19.08 12.13
C ARG B 378 10.21 18.37 11.23
N ASN B 379 10.18 17.06 11.37
CA ASN B 379 9.23 16.20 10.67
C ASN B 379 8.38 15.47 11.70
N ASP B 380 7.54 14.57 11.22
CA ASP B 380 6.69 13.77 12.10
C ASP B 380 7.49 13.05 13.18
N GLN B 381 8.61 12.45 12.78
CA GLN B 381 9.37 11.55 13.65
C GLN B 381 10.51 12.19 14.45
N GLU B 382 10.88 13.44 14.13
CA GLU B 382 12.10 14.01 14.70
C GLU B 382 11.98 15.51 14.94
N SER B 383 13.01 16.10 15.53
CA SER B 383 13.08 17.55 15.71
C SER B 383 14.51 18.03 15.94
N ALA B 384 14.74 19.32 15.72
CA ALA B 384 16.06 19.93 15.92
C ALA B 384 15.93 21.43 16.13
N GLU B 385 16.98 22.05 16.66
CA GLU B 385 16.96 23.48 16.93
C GLU B 385 18.35 24.10 16.98
N ALA B 386 18.39 25.43 16.90
CA ALA B 386 19.62 26.20 17.06
C ALA B 386 19.28 27.55 17.67
N SER B 387 20.21 28.10 18.44
CA SER B 387 19.95 29.32 19.21
C SER B 387 20.90 30.46 18.82
N ALA B 388 20.42 31.69 18.99
CA ALA B 388 21.23 32.88 18.72
C ALA B 388 20.77 34.06 19.58
N GLU B 389 21.71 34.94 19.91
CA GLU B 389 21.42 36.12 20.73
C GLU B 389 21.51 37.38 19.89
N LEU B 390 20.76 38.41 20.26
CA LEU B 390 20.84 39.70 19.59
C LEU B 390 21.09 40.82 20.59
N LYS B 391 22.29 41.40 20.53
CA LYS B 391 22.65 42.58 21.31
C LYS B 391 22.15 43.85 20.62
N LEU B 392 21.94 44.91 21.41
CA LEU B 392 21.54 46.20 20.87
C LEU B 392 22.73 47.15 20.79
N GLY B 393 22.80 47.91 19.71
CA GLY B 393 23.85 48.88 19.50
C GLY B 393 23.38 50.30 19.71
C1 NAG C . -9.83 -32.15 -14.93
C2 NAG C . -10.67 -33.37 -15.26
C3 NAG C . -11.14 -34.02 -13.96
C4 NAG C . -9.95 -34.30 -13.04
C5 NAG C . -9.01 -33.10 -12.93
C6 NAG C . -7.70 -33.44 -12.25
C7 NAG C . -12.26 -33.73 -17.12
C8 NAG C . -11.53 -35.01 -17.41
N2 NAG C . -11.81 -33.00 -16.08
O3 NAG C . -11.83 -35.22 -14.26
O4 NAG C . -10.45 -34.58 -11.74
O5 NAG C . -8.68 -32.56 -14.21
O6 NAG C . -6.70 -32.47 -12.53
O7 NAG C . -13.22 -33.37 -17.79
C1 NAG C . -10.28 -35.96 -11.44
C2 NAG C . -10.51 -36.17 -9.95
C3 NAG C . -10.39 -37.65 -9.60
C4 NAG C . -11.28 -38.50 -10.50
C5 NAG C . -11.04 -38.16 -11.97
C6 NAG C . -12.00 -38.86 -12.90
C7 NAG C . -9.66 -34.05 -9.04
C8 NAG C . -8.60 -33.39 -8.20
N2 NAG C . -9.57 -35.38 -9.16
O3 NAG C . -10.75 -37.84 -8.23
O4 NAG C . -10.99 -39.87 -10.29
O5 NAG C . -11.21 -36.76 -12.18
O6 NAG C . -11.73 -38.54 -14.26
O7 NAG C . -10.54 -33.40 -9.58
C1 BMA C . -11.95 -40.50 -9.43
C2 BMA C . -11.35 -41.82 -8.98
C3 BMA C . -12.40 -42.59 -8.19
C4 BMA C . -12.95 -41.74 -7.04
C5 BMA C . -13.41 -40.34 -7.53
C6 BMA C . -13.70 -39.42 -6.37
O2 BMA C . -10.25 -41.60 -8.09
O3 BMA C . -11.87 -43.82 -7.69
O4 BMA C . -14.06 -42.40 -6.44
O5 BMA C . -12.38 -39.73 -8.34
O6 BMA C . -14.33 -38.23 -6.86
C1 MAN C . -12.33 -44.91 -8.51
C2 MAN C . -11.96 -46.26 -7.84
C3 MAN C . -10.51 -46.64 -8.18
C4 MAN C . -10.26 -46.53 -9.68
C5 MAN C . -10.53 -45.09 -10.14
C6 MAN C . -10.30 -44.89 -11.63
O2 MAN C . -12.77 -47.32 -8.34
O3 MAN C . -10.19 -47.95 -7.73
O4 MAN C . -8.90 -46.87 -9.98
O5 MAN C . -11.92 -44.80 -9.86
O6 MAN C . -10.49 -43.52 -11.93
C1 MAN C . -14.32 -37.29 -5.77
C2 MAN C . -15.75 -37.11 -5.19
C3 MAN C . -16.53 -36.03 -5.96
C4 MAN C . -15.68 -34.78 -6.18
C5 MAN C . -14.40 -35.17 -6.91
C6 MAN C . -13.50 -33.98 -7.21
O2 MAN C . -15.71 -36.66 -3.83
O3 MAN C . -17.74 -35.68 -5.31
O4 MAN C . -16.39 -33.81 -6.93
O5 MAN C . -13.67 -36.08 -6.08
O6 MAN C . -12.29 -34.48 -7.75
C1 NAG D . -5.73 13.74 14.48
C2 NAG D . -5.60 15.26 14.50
C3 NAG D . -5.01 15.76 13.17
C4 NAG D . -3.77 14.97 12.77
C5 NAG D . -4.01 13.47 12.88
C6 NAG D . -2.77 12.65 12.66
C7 NAG D . -7.26 16.41 15.91
C8 NAG D . -8.63 17.01 15.95
N2 NAG D . -6.89 15.89 14.73
O3 NAG D . -4.68 17.15 13.30
O4 NAG D . -3.48 15.25 11.40
O5 NAG D . -4.48 13.16 14.20
O6 NAG D . -3.07 11.37 12.12
O7 NAG D . -6.52 16.40 16.89
C1 NAG D . -2.23 15.92 11.24
C2 NAG D . -2.25 16.62 9.90
C3 NAG D . -0.88 17.23 9.62
C4 NAG D . -0.44 18.11 10.78
C5 NAG D . -0.58 17.38 12.11
C6 NAG D . -0.36 18.29 13.30
C7 NAG D . -3.92 15.49 8.51
C8 NAG D . -4.16 14.52 7.39
N2 NAG D . -2.65 15.72 8.83
O3 NAG D . -0.94 18.00 8.42
O4 NAG D . 0.92 18.47 10.60
O5 NAG D . -1.91 16.85 12.26
O6 NAG D . -0.28 17.55 14.52
O7 NAG D . -4.84 16.04 9.09
C1 BMA D . 0.87 19.88 10.32
C2 BMA D . 1.93 20.59 11.17
C3 BMA D . 2.14 22.02 10.71
C4 BMA D . 2.20 22.12 9.17
C5 BMA D . 0.92 21.50 8.63
C6 BMA D . 0.72 21.62 7.12
O2 BMA D . 3.20 19.95 11.07
O3 BMA D . 3.31 22.59 11.31
O4 BMA D . 2.30 23.48 8.77
O5 BMA D . 0.97 20.12 8.95
O6 BMA D . 1.90 21.19 6.46
C1 MAN D . 2.86 23.64 12.18
C2 MAN D . 3.72 24.90 11.94
C3 MAN D . 4.64 25.20 13.11
C4 MAN D . 3.87 25.12 14.41
C5 MAN D . 3.46 23.68 14.64
C6 MAN D . 2.66 23.51 15.92
O2 MAN D . 2.89 26.05 11.80
O3 MAN D . 5.23 26.48 12.99
O4 MAN D . 4.69 25.57 15.49
O5 MAN D . 2.59 23.24 13.54
O6 MAN D . 2.71 22.15 16.32
C1 MAN D . 1.98 21.96 5.25
C2 MAN D . 2.15 21.04 4.03
C3 MAN D . 3.59 20.53 3.93
C4 MAN D . 4.64 21.65 4.17
C5 MAN D . 4.30 22.44 5.45
C6 MAN D . 5.21 23.65 5.67
O2 MAN D . 1.91 21.75 2.81
O3 MAN D . 3.85 19.90 2.68
O4 MAN D . 5.93 21.09 4.29
O5 MAN D . 2.97 22.94 5.34
O6 MAN D . 5.22 23.94 7.06
C1 NAG E . 6.07 -3.50 35.41
C2 NAG E . 6.48 -3.99 36.79
C3 NAG E . 6.49 -5.52 36.83
C4 NAG E . 5.18 -6.08 36.31
C5 NAG E . 4.71 -5.39 35.02
C6 NAG E . 3.27 -5.72 34.67
C7 NAG E . 8.13 -3.26 38.46
C8 NAG E . 9.52 -2.72 38.69
N2 NAG E . 7.79 -3.46 37.18
O3 NAG E . 6.71 -5.95 38.17
O4 NAG E . 5.36 -7.45 35.96
O5 NAG E . 4.79 -3.97 35.14
O6 NAG E . 2.40 -5.49 35.77
O7 NAG E . 7.37 -3.49 39.39
C1 NAG E . 5.18 -8.39 37.02
C2 NAG E . 5.84 -9.66 36.51
C3 NAG E . 5.68 -10.78 37.54
C4 NAG E . 6.18 -10.32 38.92
C5 NAG E . 5.54 -8.98 39.30
C6 NAG E . 6.10 -8.40 40.57
C7 NAG E . 5.82 -9.84 34.05
C8 NAG E . 7.15 -9.15 34.05
N2 NAG E . 5.26 -10.06 35.25
O3 NAG E . 6.45 -11.88 37.08
O4 NAG E . 5.89 -11.26 39.95
O5 NAG E . 5.76 -8.02 38.26
O6 NAG E . 5.82 -9.22 41.70
O7 NAG E . 5.27 -10.20 33.01
C1 BMA E . 5.35 -12.51 39.46
C2 BMA E . 6.37 -13.65 39.63
C3 BMA E . 5.81 -14.90 38.96
C4 BMA E . 4.37 -15.20 39.44
C5 BMA E . 3.47 -13.95 39.26
C6 BMA E . 2.08 -14.14 39.82
O2 BMA E . 6.56 -13.98 41.01
O3 BMA E . 6.65 -16.03 39.17
O4 BMA E . 3.83 -16.28 38.69
O5 BMA E . 4.09 -12.84 39.95
O6 BMA E . 1.29 -13.03 39.39
C1 NAG F . 6.37 -7.45 -19.13
C2 NAG F . 6.21 -7.26 -20.62
C3 NAG F . 5.90 -5.80 -20.92
C4 NAG F . 4.77 -5.27 -20.06
C5 NAG F . 4.92 -5.68 -18.59
C6 NAG F . 3.68 -5.41 -17.76
C7 NAG F . 7.55 -8.90 -21.89
C8 NAG F . 6.39 -9.85 -21.77
N2 NAG F . 7.39 -7.70 -21.33
O3 NAG F . 5.56 -5.67 -22.30
O4 NAG F . 4.79 -3.85 -20.12
O5 NAG F . 5.19 -7.08 -18.48
O6 NAG F . 2.65 -6.34 -18.05
O7 NAG F . 8.58 -9.22 -22.47
C1 NAG F . 3.46 -3.36 -20.31
C2 NAG F . 3.49 -1.88 -19.89
C3 NAG F . 2.14 -1.25 -20.13
C4 NAG F . 1.75 -1.41 -21.59
C5 NAG F . 1.76 -2.89 -21.97
C6 NAG F . 1.49 -3.13 -23.44
C7 NAG F . 4.42 -0.63 -17.99
C8 NAG F . 4.75 -0.65 -16.53
N2 NAG F . 3.88 -1.74 -18.49
O3 NAG F . 2.20 0.14 -19.80
O4 NAG F . 0.47 -0.83 -21.82
O5 NAG F . 3.06 -3.45 -21.69
O6 NAG F . 2.34 -2.36 -24.26
O7 NAG F . 4.62 0.36 -18.69
C1 BMA F . 0.78 0.26 -22.71
C2 BMA F . -0.23 0.26 -23.84
C3 BMA F . 0.05 1.42 -24.78
C4 BMA F . 0.21 2.74 -24.01
C5 BMA F . 1.34 2.54 -22.98
C6 BMA F . 1.70 3.80 -22.18
O2 BMA F . -1.57 0.46 -23.34
O3 BMA F . -0.96 1.51 -25.75
O4 BMA F . 0.54 3.80 -24.89
O5 BMA F . 0.94 1.51 -22.08
O6 BMA F . 0.50 4.43 -21.73
C1 MAN F . -0.40 1.05 -26.99
C2 MAN F . -1.02 1.88 -28.13
C3 MAN F . -1.98 1.05 -28.96
C4 MAN F . -1.29 -0.23 -29.38
C5 MAN F . -1.11 -1.10 -28.15
C6 MAN F . -0.34 -2.37 -28.48
O2 MAN F . 0.00 2.32 -29.04
O3 MAN F . -2.45 1.76 -30.09
O4 MAN F . -2.09 -0.91 -30.34
O5 MAN F . -0.33 -0.39 -27.14
O6 MAN F . -0.61 -3.34 -27.46
C1 MAN F . 0.71 5.85 -21.88
C2 MAN F . 0.52 6.56 -20.53
C3 MAN F . -0.96 6.63 -20.17
C4 MAN F . -1.84 7.11 -21.35
C5 MAN F . -1.51 6.32 -22.63
C6 MAN F . -2.20 6.88 -23.87
O2 MAN F . 0.95 7.93 -20.61
O3 MAN F . -1.19 7.46 -19.04
O4 MAN F . -3.21 6.93 -21.04
O5 MAN F . -0.09 6.38 -22.89
O6 MAN F . -2.06 5.94 -24.92
#